data_6XIG
#
_entry.id   6XIG
#
_cell.length_a   72.968
_cell.length_b   75.403
_cell.length_c   83.921
_cell.angle_alpha   90.000
_cell.angle_beta   107.690
_cell.angle_gamma   90.000
#
_symmetry.space_group_name_H-M   'P 1 21 1'
#
loop_
_entity.id
_entity.type
_entity.pdbx_description
1 polymer 'Aminodeoxyfutalosine synthase'
2 non-polymer 'IRON/SULFUR CLUSTER'
3 non-polymer 'D(-)-TARTARIC ACID'
4 water water
#
_entity_poly.entity_id   1
_entity_poly.type   'polypeptide(L)'
_entity_poly.pdbx_seq_one_letter_code
;MHHHHHHSSGVDLGTENLYFQSMDTTSKLALILADADLPAALKAIALKVQNQERITFDEGVYLYENAELGYLGVLANYIR
EQKHGDNTYFNRNFHIEPTNVCVYDCKFCSYSRLIKQKEEGWEMSVDGMMEVLKKYDHEPVTEVHITGGVVPKQNLEFYS
DFFRRAKAHRPELHIKALTPVEYYYIFKKAKLSHYDGMKYMQEAGLDSMPGGGAEIFHPEVREKIAHDKCNAEQWLDIHE
QAHKLGMKTNATMLYGHIEQFWHRVDHMERLRRQQDKTGGFQAFIPLKFRNQHNQMDHVPEVSVIEDLRNYAIARIYMDN
FDHIKAYWAMISRQTAQLSLNFGVDDIDGTLDDTTKIYSMAGAEEQHPAMSTRDLVDLIKQVKRKPIERDTLYNVVTDYS
QVTFEDEVKPQYYKLPVIN
;
_entity_poly.pdbx_strand_id   A,B
#
loop_
_chem_comp.id
_chem_comp.type
_chem_comp.name
_chem_comp.formula
SF4 non-polymer 'IRON/SULFUR CLUSTER' 'Fe4 S4'
TAR non-polymer 'D(-)-TARTARIC ACID' 'C4 H6 O6'
#
# COMPACT_ATOMS: atom_id res chain seq x y z
N GLY A 14 13.95 8.07 14.48
CA GLY A 14 13.57 8.76 13.23
C GLY A 14 12.37 8.02 12.62
N THR A 15 11.79 8.58 11.57
CA THR A 15 10.70 7.95 10.80
C THR A 15 11.21 7.72 9.37
N GLU A 16 12.53 7.78 9.15
CA GLU A 16 13.13 7.72 7.80
C GLU A 16 12.75 6.38 7.14
N ASN A 17 12.92 5.29 7.86
CA ASN A 17 12.65 3.94 7.34
C ASN A 17 11.14 3.81 7.11
N LEU A 18 10.35 4.25 8.09
CA LEU A 18 8.87 4.19 7.98
C LEU A 18 8.39 5.01 6.77
N TYR A 19 8.94 6.18 6.54
CA TYR A 19 8.61 7.04 5.39
C TYR A 19 8.90 6.30 4.08
N PHE A 20 10.11 5.74 3.94
CA PHE A 20 10.46 4.93 2.75
C PHE A 20 9.45 3.79 2.53
N GLN A 21 9.14 3.00 3.54
CA GLN A 21 8.21 1.83 3.48
C GLN A 21 6.82 2.30 3.02
N SER A 22 6.49 3.57 3.20
CA SER A 22 5.12 4.09 2.99
C SER A 22 4.92 4.63 1.58
N MET A 23 6.00 4.76 0.81
CA MET A 23 5.94 5.34 -0.53
C MET A 23 5.33 4.36 -1.51
N ASP A 24 4.64 4.89 -2.50
CA ASP A 24 4.18 4.08 -3.63
C ASP A 24 5.40 3.63 -4.43
N THR A 25 5.13 2.65 -5.28
CA THR A 25 6.12 1.93 -6.08
C THR A 25 6.99 2.94 -6.85
N THR A 26 6.35 3.85 -7.60
CA THR A 26 7.07 4.82 -8.45
C THR A 26 7.96 5.71 -7.55
N SER A 27 7.39 6.23 -6.46
CA SER A 27 8.13 7.15 -5.56
C SER A 27 9.26 6.46 -4.81
N LYS A 28 9.16 5.17 -4.51
CA LYS A 28 10.22 4.44 -3.81
C LYS A 28 11.42 4.35 -4.77
N LEU A 29 11.17 4.16 -6.06
CA LEU A 29 12.27 4.10 -7.08
C LEU A 29 12.93 5.48 -7.17
N ALA A 30 12.13 6.56 -7.22
CA ALA A 30 12.66 7.94 -7.25
C ALA A 30 13.51 8.21 -6.00
N LEU A 31 13.08 7.71 -4.84
CA LEU A 31 13.78 7.92 -3.53
C LEU A 31 15.17 7.25 -3.57
N ILE A 32 15.28 6.04 -4.13
CA ILE A 32 16.60 5.33 -4.25
C ILE A 32 17.51 6.17 -5.15
N LEU A 33 16.99 6.67 -6.27
CA LEU A 33 17.80 7.41 -7.26
C LEU A 33 18.27 8.75 -6.69
N ALA A 34 17.57 9.30 -5.69
CA ALA A 34 17.93 10.62 -5.09
C ALA A 34 18.72 10.38 -3.81
N ASP A 35 19.02 9.15 -3.45
CA ASP A 35 19.83 8.81 -2.25
C ASP A 35 21.33 9.05 -2.52
N ALA A 36 21.93 10.03 -1.85
CA ALA A 36 23.34 10.47 -2.03
C ALA A 36 24.34 9.40 -1.56
N ASP A 37 23.94 8.51 -0.66
CA ASP A 37 24.85 7.49 -0.06
C ASP A 37 24.83 6.14 -0.80
N LEU A 38 23.82 5.87 -1.64
CA LEU A 38 23.71 4.65 -2.47
C LEU A 38 24.89 4.57 -3.46
N PRO A 39 25.65 3.46 -3.50
CA PRO A 39 26.69 3.32 -4.52
C PRO A 39 26.24 3.69 -5.95
N ALA A 40 27.12 4.32 -6.71
CA ALA A 40 26.84 4.79 -8.08
C ALA A 40 26.35 3.63 -8.96
N ALA A 41 26.99 2.48 -8.84
CA ALA A 41 26.63 1.31 -9.69
C ALA A 41 25.17 0.90 -9.45
N LEU A 42 24.73 0.98 -8.21
CA LEU A 42 23.32 0.58 -7.90
C LEU A 42 22.37 1.68 -8.41
N LYS A 43 22.74 2.96 -8.30
CA LYS A 43 21.92 4.04 -8.85
C LYS A 43 21.77 3.84 -10.35
N ALA A 44 22.86 3.51 -11.05
CA ALA A 44 22.82 3.32 -12.52
C ALA A 44 21.85 2.21 -12.93
N ILE A 45 21.83 1.09 -12.21
CA ILE A 45 20.89 -0.01 -12.52
C ILE A 45 19.45 0.45 -12.22
N ALA A 46 19.25 1.15 -11.12
CA ALA A 46 17.90 1.65 -10.75
C ALA A 46 17.40 2.60 -11.85
N LEU A 47 18.31 3.42 -12.41
CA LEU A 47 17.93 4.34 -13.49
C LEU A 47 17.58 3.54 -14.73
N LYS A 48 18.30 2.47 -15.04
CA LYS A 48 17.95 1.66 -16.21
C LYS A 48 16.53 1.12 -16.05
N VAL A 49 16.22 0.64 -14.86
CA VAL A 49 14.85 0.09 -14.60
C VAL A 49 13.82 1.19 -14.81
N GLN A 50 14.08 2.38 -14.29
CA GLN A 50 13.17 3.55 -14.47
C GLN A 50 13.02 3.80 -15.96
N ASN A 51 14.11 3.68 -16.75
CA ASN A 51 14.08 3.96 -18.20
C ASN A 51 13.67 2.75 -19.04
N GLN A 52 13.32 1.61 -18.43
CA GLN A 52 12.99 0.34 -19.15
C GLN A 52 14.14 -0.05 -20.09
N GLU A 53 15.38 0.05 -19.59
N GLU A 53 15.36 0.02 -19.55
CA GLU A 53 16.61 -0.37 -20.32
CA GLU A 53 16.60 -0.35 -20.26
C GLU A 53 17.12 -1.70 -19.74
C GLU A 53 17.09 -1.72 -19.73
N ARG A 54 17.51 -2.60 -20.63
CA ARG A 54 17.94 -3.96 -20.29
C ARG A 54 19.17 -3.86 -19.41
N ILE A 55 19.23 -4.68 -18.37
CA ILE A 55 20.45 -4.78 -17.54
C ILE A 55 21.36 -5.87 -18.15
N THR A 56 22.66 -5.61 -18.13
CA THR A 56 23.66 -6.48 -18.77
C THR A 56 24.05 -7.64 -17.85
N PHE A 57 24.74 -8.61 -18.41
CA PHE A 57 25.28 -9.76 -17.66
C PHE A 57 26.07 -9.27 -16.45
N ASP A 58 27.05 -8.34 -16.63
CA ASP A 58 27.86 -7.96 -15.44
C ASP A 58 26.98 -7.21 -14.43
N GLU A 59 25.95 -6.48 -14.86
CA GLU A 59 25.02 -5.83 -13.93
C GLU A 59 24.24 -6.89 -13.15
N GLY A 60 23.80 -7.96 -13.82
CA GLY A 60 23.12 -9.06 -13.13
C GLY A 60 23.99 -9.67 -12.06
N VAL A 61 25.23 -9.96 -12.39
CA VAL A 61 26.16 -10.52 -11.38
C VAL A 61 26.37 -9.51 -10.25
N TYR A 62 26.49 -8.22 -10.59
CA TYR A 62 26.71 -7.15 -9.61
C TYR A 62 25.53 -7.17 -8.62
N LEU A 63 24.28 -7.30 -9.12
CA LEU A 63 23.11 -7.34 -8.21
C LEU A 63 23.21 -8.54 -7.28
N TYR A 64 23.52 -9.75 -7.79
CA TYR A 64 23.61 -10.91 -6.91
C TYR A 64 24.69 -10.64 -5.86
N GLU A 65 25.81 -10.05 -6.26
CA GLU A 65 26.99 -9.97 -5.35
C GLU A 65 26.88 -8.78 -4.40
N ASN A 66 26.05 -7.80 -4.64
CA ASN A 66 26.15 -6.52 -3.90
C ASN A 66 24.79 -6.05 -3.37
N ALA A 67 23.68 -6.31 -4.06
CA ALA A 67 22.41 -5.61 -3.76
C ALA A 67 21.71 -6.20 -2.55
N GLU A 68 21.11 -5.32 -1.75
CA GLU A 68 20.34 -5.70 -0.56
C GLU A 68 18.88 -5.97 -0.96
N LEU A 69 18.19 -6.77 -0.15
CA LEU A 69 16.80 -7.17 -0.45
C LEU A 69 15.89 -5.95 -0.66
N GLY A 70 15.99 -4.93 0.19
CA GLY A 70 15.07 -3.79 0.11
C GLY A 70 15.17 -3.13 -1.24
N TYR A 71 16.40 -2.82 -1.65
CA TYR A 71 16.70 -2.23 -2.96
C TYR A 71 16.12 -3.10 -4.08
N LEU A 72 16.35 -4.39 -4.00
CA LEU A 72 15.92 -5.30 -5.07
C LEU A 72 14.39 -5.39 -5.11
N GLY A 73 13.72 -5.29 -3.97
CA GLY A 73 12.23 -5.22 -3.95
C GLY A 73 11.69 -3.96 -4.62
N VAL A 74 12.35 -2.82 -4.45
CA VAL A 74 11.94 -1.57 -5.12
C VAL A 74 11.97 -1.74 -6.63
N LEU A 75 13.07 -2.28 -7.18
CA LEU A 75 13.19 -2.41 -8.64
C LEU A 75 12.24 -3.50 -9.17
N ALA A 76 12.24 -4.66 -8.56
CA ALA A 76 11.44 -5.80 -9.02
C ALA A 76 9.95 -5.51 -8.87
N ASN A 77 9.56 -4.86 -7.79
CA ASN A 77 8.14 -4.54 -7.61
C ASN A 77 7.70 -3.48 -8.63
N TYR A 78 8.55 -2.48 -8.90
CA TYR A 78 8.26 -1.47 -9.93
C TYR A 78 7.95 -2.19 -11.25
N ILE A 79 8.81 -3.16 -11.66
CA ILE A 79 8.63 -3.86 -12.96
C ILE A 79 7.31 -4.63 -12.88
N ARG A 80 7.14 -5.38 -11.80
CA ARG A 80 5.96 -6.29 -11.63
C ARG A 80 4.68 -5.47 -11.72
N GLU A 81 4.65 -4.31 -11.08
CA GLU A 81 3.41 -3.49 -11.08
C GLU A 81 3.25 -2.82 -12.44
N GLN A 82 4.35 -2.36 -13.06
N GLN A 82 4.33 -2.40 -13.11
CA GLN A 82 4.28 -1.81 -14.44
CA GLN A 82 4.15 -1.75 -14.45
C GLN A 82 3.54 -2.79 -15.35
C GLN A 82 3.62 -2.78 -15.48
N LYS A 83 3.93 -4.07 -15.32
CA LYS A 83 3.45 -5.09 -16.24
C LYS A 83 2.04 -5.56 -15.87
N HIS A 84 1.84 -5.82 -14.60
CA HIS A 84 0.66 -6.59 -14.13
C HIS A 84 -0.26 -5.80 -13.19
N GLY A 85 0.15 -4.62 -12.73
CA GLY A 85 -0.52 -3.97 -11.57
C GLY A 85 -0.53 -4.91 -10.39
N ASP A 86 -1.69 -5.11 -9.73
CA ASP A 86 -1.83 -6.02 -8.59
C ASP A 86 -2.20 -7.42 -9.09
N ASN A 87 -2.43 -7.62 -10.38
CA ASN A 87 -2.88 -8.95 -10.83
C ASN A 87 -1.95 -10.05 -10.36
N THR A 88 -2.52 -11.11 -9.80
CA THR A 88 -1.79 -12.29 -9.32
C THR A 88 -2.55 -13.50 -9.84
N TYR A 89 -1.92 -14.20 -10.77
CA TYR A 89 -2.57 -15.20 -11.63
C TYR A 89 -2.39 -16.60 -11.05
N PHE A 90 -3.42 -17.41 -11.20
CA PHE A 90 -3.36 -18.85 -10.93
C PHE A 90 -4.35 -19.54 -11.85
N ASN A 91 -4.04 -20.77 -12.22
CA ASN A 91 -4.97 -21.53 -13.06
C ASN A 91 -5.42 -22.81 -12.37
N ARG A 92 -6.31 -23.54 -13.03
CA ARG A 92 -6.96 -24.74 -12.49
C ARG A 92 -6.46 -25.95 -13.28
N ASN A 93 -5.53 -26.69 -12.71
CA ASN A 93 -4.82 -27.73 -13.46
C ASN A 93 -4.79 -28.99 -12.61
N PHE A 94 -4.40 -30.09 -13.22
CA PHE A 94 -4.10 -31.35 -12.51
C PHE A 94 -2.91 -32.00 -13.20
N HIS A 95 -2.32 -32.92 -12.48
CA HIS A 95 -1.03 -33.56 -12.88
CA HIS A 95 -1.04 -33.56 -12.89
C HIS A 95 -1.28 -35.03 -13.16
N ILE A 96 -0.56 -35.57 -14.13
CA ILE A 96 -0.33 -37.02 -14.29
C ILE A 96 1.18 -37.25 -14.26
N GLU A 97 1.65 -38.19 -13.43
CA GLU A 97 3.09 -38.59 -13.35
C GLU A 97 3.26 -39.98 -13.97
N PRO A 98 3.68 -40.10 -15.25
CA PRO A 98 3.71 -41.40 -15.92
C PRO A 98 4.65 -42.41 -15.23
N THR A 99 5.77 -41.95 -14.69
CA THR A 99 6.70 -42.88 -13.98
C THR A 99 7.49 -42.11 -12.93
N ASN A 100 7.85 -42.81 -11.86
CA ASN A 100 8.79 -42.30 -10.83
C ASN A 100 10.09 -43.10 -10.89
N VAL A 101 10.37 -43.71 -12.03
CA VAL A 101 11.70 -44.32 -12.35
C VAL A 101 12.32 -43.50 -13.48
N CYS A 102 13.64 -43.51 -13.60
CA CYS A 102 14.33 -42.72 -14.65
C CYS A 102 15.61 -43.40 -15.08
N VAL A 103 15.99 -43.24 -16.35
CA VAL A 103 17.29 -43.69 -16.91
C VAL A 103 18.42 -42.70 -16.60
N TYR A 104 18.12 -41.48 -16.14
CA TYR A 104 19.16 -40.44 -15.97
C TYR A 104 19.68 -40.42 -14.50
N ASP A 105 20.57 -39.50 -14.22
CA ASP A 105 21.53 -39.54 -13.08
C ASP A 105 21.61 -38.18 -12.40
N CYS A 106 20.56 -37.36 -12.44
CA CYS A 106 20.63 -35.99 -11.84
C CYS A 106 20.90 -36.12 -10.34
N LYS A 107 21.94 -35.42 -9.84
CA LYS A 107 22.37 -35.58 -8.42
C LYS A 107 21.40 -34.88 -7.45
N PHE A 108 20.43 -34.07 -7.93
CA PHE A 108 19.46 -33.32 -7.08
C PHE A 108 18.11 -34.05 -7.07
N CYS A 109 17.99 -35.19 -7.78
CA CYS A 109 16.68 -35.84 -8.01
C CYS A 109 16.62 -37.19 -7.31
N SER A 110 15.52 -37.45 -6.61
CA SER A 110 15.22 -38.74 -5.93
C SER A 110 15.00 -39.87 -6.94
N TYR A 111 14.68 -39.55 -8.20
CA TYR A 111 14.45 -40.57 -9.26
C TYR A 111 15.75 -40.97 -9.98
N SER A 112 16.92 -40.43 -9.58
CA SER A 112 18.21 -40.74 -10.23
C SER A 112 18.37 -42.27 -10.26
N ARG A 113 18.86 -42.83 -11.38
CA ARG A 113 19.15 -44.29 -11.46
C ARG A 113 20.30 -44.64 -10.50
N LEU A 114 21.13 -43.68 -10.08
CA LEU A 114 22.29 -44.01 -9.19
C LEU A 114 21.81 -44.15 -7.74
N ILE A 115 20.53 -43.87 -7.48
CA ILE A 115 19.75 -44.17 -6.24
C ILE A 115 18.35 -44.64 -6.67
N GLY A 121 9.14 -48.51 -7.48
CA GLY A 121 8.91 -47.74 -8.73
C GLY A 121 7.79 -48.34 -9.56
N TRP A 122 7.07 -47.50 -10.32
CA TRP A 122 5.94 -47.92 -11.22
C TRP A 122 5.98 -47.15 -12.54
N GLU A 123 5.18 -47.63 -13.49
CA GLU A 123 5.15 -47.17 -14.88
C GLU A 123 3.72 -47.27 -15.40
N MET A 124 3.08 -46.14 -15.70
CA MET A 124 1.69 -46.14 -16.16
C MET A 124 1.68 -46.60 -17.62
N SER A 125 0.60 -47.27 -17.99
CA SER A 125 0.22 -47.54 -19.39
C SER A 125 -0.59 -46.35 -19.90
N VAL A 126 -0.80 -46.31 -21.20
CA VAL A 126 -1.66 -45.26 -21.78
C VAL A 126 -3.06 -45.46 -21.19
N ASP A 127 -3.56 -46.69 -21.11
CA ASP A 127 -4.88 -46.94 -20.43
C ASP A 127 -4.89 -46.32 -19.03
N GLY A 128 -3.81 -46.49 -18.23
CA GLY A 128 -3.77 -45.98 -16.86
C GLY A 128 -3.82 -44.46 -16.83
N MET A 129 -3.07 -43.81 -17.72
CA MET A 129 -3.04 -42.33 -17.81
C MET A 129 -4.46 -41.88 -18.17
N MET A 130 -5.13 -42.55 -19.10
CA MET A 130 -6.48 -42.12 -19.53
C MET A 130 -7.46 -42.33 -18.36
N GLU A 131 -7.31 -43.40 -17.57
CA GLU A 131 -8.20 -43.61 -16.38
C GLU A 131 -8.02 -42.45 -15.39
N VAL A 132 -6.80 -41.94 -15.21
CA VAL A 132 -6.57 -40.76 -14.32
C VAL A 132 -7.27 -39.54 -14.94
N LEU A 133 -7.05 -39.28 -16.23
CA LEU A 133 -7.61 -38.09 -16.89
C LEU A 133 -9.13 -38.08 -16.69
N LYS A 134 -9.78 -39.23 -16.87
CA LYS A 134 -11.25 -39.36 -16.82
C LYS A 134 -11.81 -39.04 -15.43
N LYS A 135 -11.03 -39.20 -14.37
CA LYS A 135 -11.43 -38.84 -13.00
C LYS A 135 -11.71 -37.33 -12.89
N TYR A 136 -11.20 -36.52 -13.83
CA TYR A 136 -11.39 -35.04 -13.83
C TYR A 136 -12.46 -34.63 -14.83
N ASP A 137 -13.24 -35.55 -15.39
CA ASP A 137 -14.22 -35.18 -16.45
C ASP A 137 -15.23 -34.15 -15.97
N HIS A 138 -15.56 -34.12 -14.69
CA HIS A 138 -16.63 -33.24 -14.16
C HIS A 138 -16.01 -32.04 -13.44
N GLU A 139 -14.71 -31.86 -13.56
CA GLU A 139 -13.99 -30.72 -12.97
C GLU A 139 -13.68 -29.72 -14.06
N PRO A 140 -13.78 -28.42 -13.77
CA PRO A 140 -13.50 -27.37 -14.76
C PRO A 140 -12.01 -27.03 -14.91
N VAL A 141 -11.15 -28.04 -14.85
CA VAL A 141 -9.70 -27.90 -15.16
C VAL A 141 -9.52 -27.43 -16.58
N THR A 142 -8.59 -26.52 -16.78
CA THR A 142 -8.27 -26.02 -18.14
C THR A 142 -7.01 -26.68 -18.70
N GLU A 143 -6.18 -27.31 -17.85
CA GLU A 143 -4.90 -27.86 -18.31
C GLU A 143 -4.59 -29.13 -17.53
N VAL A 144 -3.96 -30.07 -18.21
CA VAL A 144 -3.29 -31.23 -17.58
C VAL A 144 -1.79 -31.06 -17.78
N HIS A 145 -1.06 -31.26 -16.70
CA HIS A 145 0.40 -31.16 -16.68
C HIS A 145 1.00 -32.56 -16.52
N ILE A 146 1.97 -32.89 -17.36
CA ILE A 146 2.53 -34.27 -17.38
C ILE A 146 4.03 -34.15 -17.29
N THR A 147 4.61 -34.71 -16.25
CA THR A 147 6.08 -34.67 -16.03
C THR A 147 6.43 -35.91 -15.22
N GLY A 148 7.72 -36.23 -15.18
CA GLY A 148 8.23 -37.35 -14.38
C GLY A 148 9.48 -37.93 -14.98
N GLY A 149 9.77 -39.18 -14.63
CA GLY A 149 10.96 -39.86 -15.15
C GLY A 149 10.87 -40.21 -16.61
N VAL A 150 12.02 -40.55 -17.16
CA VAL A 150 12.23 -40.94 -18.56
C VAL A 150 12.58 -42.44 -18.58
N VAL A 151 11.82 -43.24 -19.32
CA VAL A 151 11.98 -44.71 -19.38
C VAL A 151 11.68 -45.17 -20.80
N PRO A 152 12.34 -46.25 -21.26
CA PRO A 152 12.23 -46.63 -22.66
C PRO A 152 10.86 -47.07 -23.13
N LYS A 153 10.02 -47.64 -22.26
CA LYS A 153 8.65 -48.10 -22.65
C LYS A 153 7.75 -46.89 -22.92
N GLN A 154 8.07 -45.75 -22.32
CA GLN A 154 7.28 -44.52 -22.51
C GLN A 154 7.96 -43.69 -23.60
N ASN A 155 7.77 -44.17 -24.84
CA ASN A 155 8.49 -43.70 -26.03
C ASN A 155 7.59 -42.75 -26.85
N LEU A 156 8.04 -42.38 -28.02
CA LEU A 156 7.28 -41.48 -28.92
C LEU A 156 5.87 -42.06 -29.16
N GLU A 157 5.81 -43.34 -29.47
CA GLU A 157 4.55 -44.04 -29.81
C GLU A 157 3.58 -44.01 -28.63
N PHE A 158 4.10 -44.24 -27.43
CA PHE A 158 3.35 -44.22 -26.15
C PHE A 158 2.74 -42.82 -25.95
N TYR A 159 3.57 -41.78 -26.02
CA TYR A 159 3.05 -40.43 -25.68
C TYR A 159 2.13 -39.94 -26.79
N SER A 160 2.42 -40.26 -28.03
CA SER A 160 1.50 -39.81 -29.13
C SER A 160 0.15 -40.54 -29.00
N ASP A 161 0.15 -41.82 -28.62
CA ASP A 161 -1.13 -42.53 -28.37
C ASP A 161 -1.92 -41.81 -27.27
N PHE A 162 -1.27 -41.45 -26.18
CA PHE A 162 -1.93 -40.79 -25.05
C PHE A 162 -2.50 -39.44 -25.52
N PHE A 163 -1.71 -38.64 -26.21
CA PHE A 163 -2.16 -37.28 -26.62
C PHE A 163 -3.41 -37.46 -27.49
N ARG A 164 -3.38 -38.43 -28.41
CA ARG A 164 -4.56 -38.60 -29.31
C ARG A 164 -5.78 -39.04 -28.49
N ARG A 165 -5.64 -39.98 -27.54
CA ARG A 165 -6.79 -40.46 -26.72
C ARG A 165 -7.32 -39.31 -25.86
N ALA A 166 -6.43 -38.48 -25.31
CA ALA A 166 -6.83 -37.41 -24.40
C ALA A 166 -7.63 -36.41 -25.20
N LYS A 167 -7.14 -36.02 -26.36
CA LYS A 167 -7.85 -34.97 -27.14
C LYS A 167 -9.17 -35.51 -27.68
N ALA A 168 -9.23 -36.79 -28.01
CA ALA A 168 -10.49 -37.41 -28.48
C ALA A 168 -11.52 -37.41 -27.35
N HIS A 169 -11.12 -37.64 -26.11
CA HIS A 169 -12.00 -37.73 -24.93
C HIS A 169 -12.41 -36.34 -24.46
N ARG A 170 -11.46 -35.40 -24.39
CA ARG A 170 -11.71 -34.07 -23.84
C ARG A 170 -10.97 -33.03 -24.68
N PRO A 171 -11.54 -32.64 -25.84
CA PRO A 171 -10.87 -31.77 -26.79
C PRO A 171 -10.35 -30.45 -26.23
N GLU A 172 -11.03 -29.87 -25.24
CA GLU A 172 -10.71 -28.51 -24.75
C GLU A 172 -9.81 -28.58 -23.52
N LEU A 173 -9.30 -29.76 -23.18
CA LEU A 173 -8.32 -29.88 -22.07
C LEU A 173 -6.94 -29.66 -22.67
N HIS A 174 -6.30 -28.58 -22.30
CA HIS A 174 -4.96 -28.24 -22.81
C HIS A 174 -3.94 -29.20 -22.24
N ILE A 175 -3.06 -29.71 -23.09
CA ILE A 175 -2.02 -30.67 -22.67
C ILE A 175 -0.68 -29.96 -22.63
N LYS A 176 -0.17 -29.78 -21.41
CA LYS A 176 1.13 -29.13 -21.16
C LYS A 176 2.04 -30.23 -20.65
N ALA A 177 2.85 -30.81 -21.53
CA ALA A 177 3.43 -32.13 -21.24
C ALA A 177 4.88 -32.23 -21.64
N LEU A 178 5.72 -32.67 -20.70
CA LEU A 178 7.11 -33.18 -20.89
C LEU A 178 8.08 -32.05 -21.20
N THR A 179 9.32 -32.29 -20.85
CA THR A 179 10.39 -31.32 -21.03
C THR A 179 11.31 -31.78 -22.16
N PRO A 180 12.24 -30.92 -22.62
CA PRO A 180 13.26 -31.36 -23.56
C PRO A 180 14.08 -32.56 -23.11
N VAL A 181 14.16 -32.82 -21.81
CA VAL A 181 14.88 -34.01 -21.31
C VAL A 181 14.18 -35.24 -21.86
N GLU A 182 12.87 -35.26 -21.79
CA GLU A 182 12.05 -36.36 -22.33
C GLU A 182 12.05 -36.32 -23.86
N TYR A 183 11.78 -35.15 -24.44
CA TYR A 183 11.71 -35.08 -25.93
C TYR A 183 13.06 -35.44 -26.56
N TYR A 184 14.20 -34.98 -26.03
CA TYR A 184 15.53 -35.31 -26.62
C TYR A 184 15.64 -36.85 -26.70
N TYR A 185 15.33 -37.52 -25.60
CA TYR A 185 15.43 -38.98 -25.51
C TYR A 185 14.50 -39.66 -26.51
N ILE A 186 13.23 -39.27 -26.54
CA ILE A 186 12.26 -39.99 -27.42
C ILE A 186 12.50 -39.64 -28.89
N PHE A 187 12.91 -38.43 -29.24
CA PHE A 187 13.19 -38.10 -30.67
C PHE A 187 14.48 -38.79 -31.12
N LYS A 188 15.49 -38.88 -30.26
CA LYS A 188 16.77 -39.54 -30.67
C LYS A 188 16.45 -41.00 -30.98
N LYS A 189 15.63 -41.63 -30.15
CA LYS A 189 15.30 -43.06 -30.30
C LYS A 189 14.47 -43.24 -31.58
N ALA A 190 13.56 -42.30 -31.87
CA ALA A 190 12.65 -42.41 -33.05
C ALA A 190 13.35 -41.92 -34.33
N LYS A 191 14.54 -41.35 -34.24
CA LYS A 191 15.31 -40.82 -35.40
C LYS A 191 14.54 -39.65 -36.07
N LEU A 192 13.86 -38.83 -35.27
CA LEU A 192 13.23 -37.56 -35.72
C LEU A 192 14.10 -36.38 -35.35
N SER A 193 14.12 -35.38 -36.22
CA SER A 193 14.65 -34.04 -35.89
C SER A 193 13.78 -33.44 -34.79
N HIS A 194 14.35 -32.50 -34.04
CA HIS A 194 13.58 -31.84 -32.98
C HIS A 194 12.34 -31.20 -33.59
N TYR A 195 12.49 -30.58 -34.74
CA TYR A 195 11.37 -29.85 -35.37
C TYR A 195 10.33 -30.88 -35.79
N ASP A 196 10.73 -31.95 -36.47
CA ASP A 196 9.72 -32.94 -36.95
C ASP A 196 9.09 -33.65 -35.74
N GLY A 197 9.85 -33.92 -34.67
CA GLY A 197 9.27 -34.57 -33.49
C GLY A 197 8.26 -33.68 -32.79
N MET A 198 8.59 -32.43 -32.55
CA MET A 198 7.62 -31.50 -31.88
C MET A 198 6.41 -31.31 -32.80
N LYS A 199 6.64 -31.22 -34.10
CA LYS A 199 5.50 -31.11 -35.05
C LYS A 199 4.60 -32.32 -34.91
N TYR A 200 5.17 -33.52 -34.89
CA TYR A 200 4.40 -34.77 -34.76
C TYR A 200 3.63 -34.74 -33.44
N MET A 201 4.29 -34.43 -32.34
CA MET A 201 3.63 -34.45 -31.01
C MET A 201 2.51 -33.42 -30.96
N GLN A 202 2.72 -32.25 -31.55
CA GLN A 202 1.64 -31.21 -31.65
C GLN A 202 0.46 -31.78 -32.40
N GLU A 203 0.69 -32.41 -33.55
CA GLU A 203 -0.40 -33.00 -34.38
C GLU A 203 -1.17 -34.03 -33.54
N ALA A 204 -0.46 -34.81 -32.72
CA ALA A 204 -1.07 -35.85 -31.88
C ALA A 204 -1.94 -35.23 -30.76
N GLY A 205 -1.65 -33.99 -30.36
CA GLY A 205 -2.45 -33.28 -29.35
C GLY A 205 -1.67 -32.56 -28.27
N LEU A 206 -0.34 -32.57 -28.30
CA LEU A 206 0.47 -31.70 -27.37
C LEU A 206 0.15 -30.24 -27.65
N ASP A 207 -0.09 -29.43 -26.62
CA ASP A 207 -0.35 -27.99 -26.80
C ASP A 207 0.83 -27.13 -26.38
N SER A 208 1.51 -27.48 -25.31
CA SER A 208 2.57 -26.62 -24.74
C SER A 208 3.51 -27.50 -23.91
N MET A 209 4.63 -26.92 -23.48
CA MET A 209 5.59 -27.61 -22.62
C MET A 209 5.73 -26.83 -21.33
N PRO A 210 5.94 -27.53 -20.25
CA PRO A 210 6.30 -26.89 -18.99
C PRO A 210 7.80 -26.53 -19.07
N GLY A 211 8.34 -26.00 -17.97
CA GLY A 211 9.66 -25.38 -17.97
C GLY A 211 10.78 -26.25 -17.40
N GLY A 212 10.52 -27.47 -16.92
CA GLY A 212 11.52 -28.32 -16.25
C GLY A 212 12.69 -28.73 -17.10
N GLY A 213 13.67 -29.29 -16.43
CA GLY A 213 14.86 -29.92 -17.03
C GLY A 213 15.94 -28.91 -17.39
N ALA A 214 15.76 -27.64 -17.07
CA ALA A 214 16.73 -26.59 -17.39
C ALA A 214 17.90 -26.66 -16.42
N GLU A 215 17.62 -26.98 -15.17
CA GLU A 215 18.63 -27.04 -14.08
C GLU A 215 19.52 -25.78 -14.12
N ILE A 216 20.83 -25.93 -14.28
CA ILE A 216 21.75 -24.83 -14.69
C ILE A 216 22.32 -25.22 -16.04
N PHE A 217 22.34 -24.32 -17.00
CA PHE A 217 22.82 -24.60 -18.36
C PHE A 217 24.34 -24.76 -18.37
N HIS A 218 25.09 -23.93 -17.66
CA HIS A 218 26.56 -23.89 -17.85
C HIS A 218 27.16 -25.27 -17.63
N PRO A 219 27.98 -25.76 -18.60
CA PRO A 219 28.63 -27.06 -18.49
C PRO A 219 29.40 -27.25 -17.20
N GLU A 220 30.02 -26.20 -16.66
CA GLU A 220 30.83 -26.31 -15.43
C GLU A 220 29.97 -26.93 -14.31
N VAL A 221 28.70 -26.53 -14.24
CA VAL A 221 27.74 -27.05 -13.25
C VAL A 221 26.98 -28.26 -13.78
N ARG A 222 26.45 -28.17 -15.02
CA ARG A 222 25.56 -29.21 -15.54
C ARG A 222 26.28 -30.57 -15.62
N GLU A 223 27.56 -30.56 -16.01
CA GLU A 223 28.32 -31.84 -16.15
C GLU A 223 28.38 -32.54 -14.79
N LYS A 224 28.28 -31.78 -13.70
CA LYS A 224 28.32 -32.37 -12.35
C LYS A 224 26.95 -32.79 -11.85
N ILE A 225 25.92 -31.98 -12.10
CA ILE A 225 24.62 -32.21 -11.42
C ILE A 225 23.61 -32.92 -12.34
N ALA A 226 23.76 -32.87 -13.65
CA ALA A 226 22.82 -33.49 -14.61
C ALA A 226 23.60 -34.04 -15.79
N HIS A 227 24.52 -34.95 -15.48
CA HIS A 227 25.57 -35.36 -16.44
C HIS A 227 24.96 -35.97 -17.71
N ASP A 228 24.00 -36.88 -17.58
CA ASP A 228 23.60 -37.73 -18.73
C ASP A 228 22.49 -37.12 -19.58
N LYS A 229 21.63 -36.27 -19.02
CA LYS A 229 20.43 -35.83 -19.80
C LYS A 229 20.82 -34.73 -20.77
N CYS A 230 19.84 -34.26 -21.54
CA CYS A 230 20.13 -33.32 -22.62
C CYS A 230 20.85 -32.09 -22.05
N ASN A 231 21.70 -31.52 -22.89
CA ASN A 231 22.51 -30.32 -22.53
C ASN A 231 21.70 -29.06 -22.83
N ALA A 232 22.30 -27.90 -22.51
CA ALA A 232 21.61 -26.58 -22.65
C ALA A 232 21.25 -26.37 -24.11
N GLU A 233 22.17 -26.68 -25.04
CA GLU A 233 21.93 -26.43 -26.48
C GLU A 233 20.66 -27.19 -26.88
N GLN A 234 20.58 -28.45 -26.47
CA GLN A 234 19.47 -29.36 -26.86
C GLN A 234 18.16 -28.88 -26.21
N TRP A 235 18.24 -28.47 -24.96
CA TRP A 235 17.07 -27.93 -24.21
C TRP A 235 16.52 -26.71 -24.95
N LEU A 236 17.39 -25.74 -25.25
CA LEU A 236 16.97 -24.48 -25.91
C LEU A 236 16.44 -24.80 -27.31
N ASP A 237 17.10 -25.71 -28.04
CA ASP A 237 16.68 -26.02 -29.42
C ASP A 237 15.28 -26.61 -29.42
N ILE A 238 14.95 -27.43 -28.44
CA ILE A 238 13.61 -28.07 -28.43
C ILE A 238 12.57 -26.99 -28.12
N HIS A 239 12.82 -26.09 -27.19
CA HIS A 239 11.94 -24.88 -27.03
C HIS A 239 11.85 -24.06 -28.32
N GLU A 240 12.96 -23.84 -29.01
CA GLU A 240 12.96 -23.06 -30.24
C GLU A 240 12.00 -23.71 -31.23
N GLN A 241 12.07 -25.03 -31.41
CA GLN A 241 11.20 -25.70 -32.39
C GLN A 241 9.75 -25.56 -31.93
N ALA A 242 9.49 -25.74 -30.65
CA ALA A 242 8.15 -25.53 -30.08
C ALA A 242 7.65 -24.12 -30.44
N HIS A 243 8.47 -23.12 -30.22
CA HIS A 243 8.05 -21.73 -30.47
C HIS A 243 7.74 -21.54 -31.97
N LYS A 244 8.57 -22.11 -32.84
CA LYS A 244 8.36 -21.96 -34.31
C LYS A 244 7.02 -22.59 -34.71
N LEU A 245 6.58 -23.62 -34.00
CA LEU A 245 5.26 -24.30 -34.20
C LEU A 245 4.11 -23.60 -33.49
N GLY A 246 4.34 -22.42 -32.89
CA GLY A 246 3.28 -21.64 -32.26
C GLY A 246 2.98 -22.05 -30.84
N MET A 247 3.79 -22.93 -30.26
CA MET A 247 3.61 -23.38 -28.88
C MET A 247 4.20 -22.35 -27.93
N LYS A 248 3.52 -22.14 -26.83
CA LYS A 248 4.04 -21.37 -25.69
C LYS A 248 4.73 -22.37 -24.78
N THR A 249 5.74 -21.92 -24.04
CA THR A 249 6.45 -22.81 -23.11
C THR A 249 6.91 -21.95 -21.96
N ASN A 250 7.35 -22.59 -20.90
CA ASN A 250 7.97 -21.90 -19.74
C ASN A 250 9.42 -22.34 -19.59
N ALA A 251 10.15 -21.71 -18.66
CA ALA A 251 11.54 -22.07 -18.41
C ALA A 251 11.78 -22.03 -16.91
N THR A 252 12.64 -22.89 -16.43
CA THR A 252 13.01 -22.95 -15.01
C THR A 252 14.50 -22.66 -14.83
N MET A 253 14.90 -22.53 -13.58
CA MET A 253 16.33 -22.45 -13.22
C MET A 253 16.43 -23.03 -11.80
N LEU A 254 17.21 -24.11 -11.67
CA LEU A 254 17.49 -24.72 -10.36
C LEU A 254 18.62 -23.91 -9.71
N TYR A 255 18.35 -23.28 -8.58
CA TYR A 255 19.34 -22.39 -7.95
C TYR A 255 19.51 -22.80 -6.49
N GLY A 256 20.57 -22.28 -5.89
CA GLY A 256 20.79 -22.39 -4.44
C GLY A 256 21.49 -23.72 -4.09
N HIS A 257 22.39 -24.18 -4.94
CA HIS A 257 23.11 -25.47 -4.70
C HIS A 257 24.61 -25.21 -4.82
N ILE A 258 25.29 -25.70 -5.86
CA ILE A 258 26.77 -25.58 -6.01
C ILE A 258 27.14 -24.54 -7.04
N GLU A 259 26.17 -23.84 -7.62
CA GLU A 259 26.46 -22.91 -8.71
C GLU A 259 26.89 -21.57 -8.09
N GLN A 260 27.64 -20.81 -8.87
CA GLN A 260 28.04 -19.43 -8.52
C GLN A 260 26.94 -18.52 -9.07
N PHE A 261 26.88 -17.29 -8.59
CA PHE A 261 25.84 -16.36 -9.07
C PHE A 261 26.01 -16.14 -10.57
N TRP A 262 27.24 -16.10 -11.09
CA TRP A 262 27.41 -15.83 -12.54
C TRP A 262 26.83 -16.98 -13.36
N HIS A 263 26.75 -18.19 -12.81
CA HIS A 263 26.09 -19.33 -13.50
C HIS A 263 24.60 -19.07 -13.62
N ARG A 264 23.99 -18.47 -12.60
CA ARG A 264 22.55 -18.08 -12.65
C ARG A 264 22.35 -17.03 -13.76
N VAL A 265 23.23 -16.05 -13.80
CA VAL A 265 23.11 -14.98 -14.82
C VAL A 265 23.34 -15.55 -16.22
N ASP A 266 24.34 -16.42 -16.38
CA ASP A 266 24.57 -17.11 -17.67
C ASP A 266 23.29 -17.83 -18.09
N HIS A 267 22.66 -18.55 -17.17
CA HIS A 267 21.42 -19.32 -17.43
C HIS A 267 20.34 -18.35 -17.93
N MET A 268 20.09 -17.31 -17.16
CA MET A 268 19.07 -16.29 -17.53
C MET A 268 19.43 -15.66 -18.87
N GLU A 269 20.71 -15.39 -19.13
CA GLU A 269 21.14 -14.74 -20.39
C GLU A 269 20.79 -15.64 -21.56
N ARG A 270 21.05 -16.94 -21.46
CA ARG A 270 20.74 -17.87 -22.56
CA ARG A 270 20.73 -17.85 -22.57
C ARG A 270 19.21 -17.89 -22.78
N LEU A 271 18.43 -17.90 -21.69
CA LEU A 271 16.96 -17.83 -21.86
C LEU A 271 16.54 -16.52 -22.50
N ARG A 272 17.11 -15.42 -22.02
CA ARG A 272 16.75 -14.06 -22.51
C ARG A 272 17.06 -13.93 -24.00
N ARG A 273 18.20 -14.42 -24.42
CA ARG A 273 18.59 -14.40 -25.86
C ARG A 273 17.63 -15.29 -26.66
N GLN A 274 17.26 -16.46 -26.14
CA GLN A 274 16.35 -17.38 -26.85
C GLN A 274 15.00 -16.69 -27.00
N GLN A 275 14.51 -16.05 -25.94
CA GLN A 275 13.23 -15.31 -25.97
C GLN A 275 13.31 -14.17 -27.00
N ASP A 276 14.43 -13.45 -27.10
CA ASP A 276 14.57 -12.38 -28.12
C ASP A 276 14.41 -12.99 -29.50
N LYS A 277 14.88 -14.22 -29.70
CA LYS A 277 14.86 -14.89 -31.02
C LYS A 277 13.45 -15.41 -31.35
N THR A 278 12.80 -16.15 -30.46
CA THR A 278 11.58 -16.90 -30.80
C THR A 278 10.33 -16.46 -30.03
N GLY A 279 10.47 -15.76 -28.91
CA GLY A 279 9.39 -15.09 -28.19
C GLY A 279 8.35 -16.01 -27.52
N GLY A 280 8.52 -17.31 -27.50
CA GLY A 280 7.42 -18.19 -27.06
C GLY A 280 7.36 -18.49 -25.56
N PHE A 281 8.30 -18.01 -24.75
CA PHE A 281 8.25 -18.27 -23.31
C PHE A 281 7.17 -17.37 -22.67
N GLN A 282 6.51 -17.90 -21.65
CA GLN A 282 5.52 -17.10 -20.89
C GLN A 282 6.04 -16.80 -19.48
N ALA A 283 6.48 -17.82 -18.77
CA ALA A 283 6.88 -17.66 -17.37
C ALA A 283 8.28 -18.20 -17.16
N PHE A 284 8.98 -17.50 -16.31
CA PHE A 284 10.29 -17.94 -15.75
C PHE A 284 10.06 -18.33 -14.32
N ILE A 285 10.56 -19.51 -13.96
CA ILE A 285 10.24 -20.25 -12.73
C ILE A 285 11.53 -20.64 -12.02
N PRO A 286 11.97 -19.85 -11.02
CA PRO A 286 13.04 -20.28 -10.15
C PRO A 286 12.63 -21.55 -9.40
N LEU A 287 13.53 -22.53 -9.33
CA LEU A 287 13.29 -23.77 -8.55
C LEU A 287 14.39 -23.87 -7.51
N LYS A 288 13.99 -23.87 -6.26
CA LYS A 288 14.95 -23.91 -5.14
C LYS A 288 15.47 -25.33 -4.93
N PHE A 289 16.79 -25.47 -4.93
CA PHE A 289 17.42 -26.76 -4.60
C PHE A 289 17.03 -27.14 -3.17
N ARG A 290 16.67 -28.40 -3.00
CA ARG A 290 16.46 -29.04 -1.69
C ARG A 290 17.39 -30.24 -1.56
N ASN A 291 17.95 -30.45 -0.37
CA ASN A 291 19.00 -31.47 -0.18
C ASN A 291 18.40 -32.75 0.40
N GLN A 292 17.11 -33.01 0.22
CA GLN A 292 16.48 -34.21 0.85
C GLN A 292 16.35 -35.33 -0.19
N HIS A 293 16.82 -36.53 0.12
CA HIS A 293 16.60 -37.77 -0.70
C HIS A 293 17.29 -37.69 -2.07
N ASN A 294 18.51 -37.16 -2.16
CA ASN A 294 19.25 -37.12 -3.44
C ASN A 294 20.75 -37.30 -3.15
N GLN A 295 21.58 -37.25 -4.19
CA GLN A 295 23.06 -37.43 -4.05
C GLN A 295 23.75 -36.10 -3.70
N MET A 296 22.96 -35.05 -3.43
CA MET A 296 23.48 -33.73 -2.97
C MET A 296 22.97 -33.41 -1.56
N ASP A 297 22.89 -34.46 -0.73
CA ASP A 297 22.19 -34.38 0.58
C ASP A 297 23.03 -33.61 1.61
N HIS A 298 24.27 -33.23 1.29
CA HIS A 298 25.14 -32.46 2.22
C HIS A 298 25.31 -31.02 1.74
N VAL A 299 24.69 -30.68 0.61
CA VAL A 299 24.82 -29.30 0.07
C VAL A 299 23.87 -28.39 0.84
N PRO A 300 24.37 -27.29 1.48
CA PRO A 300 23.48 -26.44 2.26
C PRO A 300 22.50 -25.69 1.34
N GLU A 301 21.27 -25.56 1.82
CA GLU A 301 20.17 -24.82 1.14
C GLU A 301 20.35 -23.34 1.45
N VAL A 302 19.89 -22.47 0.56
CA VAL A 302 20.03 -21.01 0.76
C VAL A 302 18.84 -20.47 1.54
N SER A 303 18.97 -19.27 2.10
CA SER A 303 17.99 -18.63 2.99
C SER A 303 16.76 -18.14 2.21
N VAL A 304 15.69 -17.86 2.95
CA VAL A 304 14.50 -17.15 2.41
C VAL A 304 14.91 -15.79 1.85
N ILE A 305 15.78 -15.06 2.52
CA ILE A 305 16.22 -13.78 1.92
C ILE A 305 16.85 -14.04 0.54
N GLU A 306 17.69 -15.07 0.41
CA GLU A 306 18.32 -15.39 -0.90
C GLU A 306 17.24 -15.78 -1.92
N ASP A 307 16.21 -16.47 -1.48
CA ASP A 307 15.06 -16.81 -2.38
C ASP A 307 14.42 -15.53 -2.91
N LEU A 308 14.17 -14.57 -2.02
CA LEU A 308 13.52 -13.30 -2.41
C LEU A 308 14.46 -12.44 -3.25
N ARG A 309 15.76 -12.37 -2.94
CA ARG A 309 16.69 -11.63 -3.82
C ARG A 309 16.66 -12.28 -5.21
N ASN A 310 16.56 -13.61 -5.24
CA ASN A 310 16.65 -14.34 -6.52
C ASN A 310 15.39 -14.08 -7.35
N TYR A 311 14.22 -14.07 -6.72
CA TYR A 311 12.98 -13.69 -7.43
C TYR A 311 13.16 -12.29 -7.98
N ALA A 312 13.67 -11.36 -7.19
CA ALA A 312 13.76 -9.94 -7.59
C ALA A 312 14.72 -9.79 -8.77
N ILE A 313 15.88 -10.44 -8.70
CA ILE A 313 16.88 -10.32 -9.78
C ILE A 313 16.34 -10.99 -11.05
N ALA A 314 15.63 -12.12 -10.90
CA ALA A 314 14.94 -12.74 -12.06
C ALA A 314 13.98 -11.73 -12.71
N ARG A 315 13.18 -11.05 -11.91
CA ARG A 315 12.23 -10.07 -12.50
C ARG A 315 12.97 -8.97 -13.24
N ILE A 316 14.07 -8.49 -12.68
CA ILE A 316 14.83 -7.36 -13.28
C ILE A 316 15.53 -7.84 -14.55
N TYR A 317 16.14 -9.01 -14.51
CA TYR A 317 16.96 -9.52 -15.62
C TYR A 317 16.07 -9.93 -16.79
N MET A 318 14.99 -10.68 -16.48
CA MET A 318 14.19 -11.33 -17.53
C MET A 318 13.15 -10.36 -18.11
N ASP A 319 13.63 -9.32 -18.76
CA ASP A 319 12.78 -8.16 -19.14
C ASP A 319 11.82 -8.54 -20.25
N ASN A 320 12.00 -9.66 -20.93
CA ASN A 320 11.17 -10.07 -22.09
C ASN A 320 10.34 -11.31 -21.72
N PHE A 321 10.28 -11.68 -20.43
CA PHE A 321 9.35 -12.70 -19.91
C PHE A 321 8.15 -11.99 -19.26
N ASP A 322 6.93 -12.34 -19.66
CA ASP A 322 5.74 -11.66 -19.05
C ASP A 322 5.70 -11.99 -17.56
N HIS A 323 5.86 -13.25 -17.20
CA HIS A 323 5.54 -13.76 -15.86
C HIS A 323 6.79 -14.27 -15.14
N ILE A 324 6.81 -14.05 -13.86
CA ILE A 324 7.70 -14.71 -12.89
C ILE A 324 6.82 -15.52 -11.96
N LYS A 325 7.05 -16.82 -11.85
CA LYS A 325 6.15 -17.76 -11.16
C LYS A 325 6.79 -18.35 -9.91
N ALA A 326 6.01 -18.45 -8.84
CA ALA A 326 6.34 -19.18 -7.60
C ALA A 326 5.35 -20.33 -7.41
N TYR A 327 5.84 -21.54 -7.09
CA TYR A 327 4.93 -22.62 -6.63
C TYR A 327 4.68 -22.50 -5.13
N TRP A 328 3.41 -22.41 -4.75
CA TRP A 328 3.03 -22.21 -3.33
C TRP A 328 3.54 -23.39 -2.49
N ALA A 329 3.60 -24.61 -3.03
CA ALA A 329 4.03 -25.84 -2.29
C ALA A 329 5.56 -25.92 -2.13
N MET A 330 6.37 -25.22 -2.94
CA MET A 330 7.87 -25.33 -2.96
C MET A 330 8.43 -24.60 -1.75
N ILE A 331 7.64 -23.70 -1.20
CA ILE A 331 8.12 -22.65 -0.29
C ILE A 331 7.03 -22.41 0.74
N SER A 332 7.38 -21.75 1.80
CA SER A 332 6.35 -21.52 2.84
C SER A 332 5.25 -20.60 2.26
N ARG A 333 4.08 -20.66 2.87
CA ARG A 333 2.95 -19.72 2.70
C ARG A 333 3.48 -18.29 2.68
N GLN A 334 4.17 -17.94 3.76
CA GLN A 334 4.73 -16.61 4.06
C GLN A 334 5.67 -16.24 2.92
N THR A 335 6.55 -17.15 2.47
CA THR A 335 7.53 -16.85 1.42
C THR A 335 6.76 -16.57 0.11
N ALA A 336 5.80 -17.40 -0.24
CA ALA A 336 5.02 -17.21 -1.49
C ALA A 336 4.33 -15.86 -1.44
N GLN A 337 3.73 -15.50 -0.30
CA GLN A 337 3.09 -14.19 -0.17
C GLN A 337 4.13 -13.09 -0.36
N LEU A 338 5.24 -13.13 0.39
CA LEU A 338 6.26 -12.06 0.24
C LEU A 338 6.72 -11.98 -1.21
N SER A 339 6.86 -13.11 -1.91
CA SER A 339 7.40 -13.11 -3.28
C SER A 339 6.56 -12.22 -4.19
N LEU A 340 5.28 -12.02 -3.90
CA LEU A 340 4.41 -11.18 -4.75
C LEU A 340 4.85 -9.70 -4.72
N ASN A 341 5.72 -9.32 -3.76
CA ASN A 341 6.29 -7.97 -3.60
C ASN A 341 7.75 -7.94 -4.10
N PHE A 342 8.31 -9.07 -4.52
CA PHE A 342 9.68 -9.16 -5.05
C PHE A 342 9.67 -9.71 -6.46
N GLY A 343 8.64 -9.37 -7.24
CA GLY A 343 8.59 -9.59 -8.68
C GLY A 343 7.66 -10.69 -9.14
N VAL A 344 7.08 -11.48 -8.24
CA VAL A 344 6.23 -12.65 -8.67
C VAL A 344 4.81 -12.17 -8.98
N ASP A 345 4.28 -12.55 -10.15
CA ASP A 345 2.86 -12.24 -10.51
C ASP A 345 2.06 -13.53 -10.69
N ASP A 346 2.69 -14.70 -10.67
CA ASP A 346 2.08 -15.97 -11.12
C ASP A 346 2.35 -17.00 -10.03
N ILE A 347 1.29 -17.57 -9.47
CA ILE A 347 1.39 -18.46 -8.29
C ILE A 347 0.75 -19.78 -8.69
N ASP A 348 1.48 -20.88 -8.51
CA ASP A 348 1.07 -22.14 -9.17
C ASP A 348 1.14 -23.32 -8.21
N GLY A 349 0.41 -24.33 -8.62
CA GLY A 349 0.13 -25.53 -7.82
C GLY A 349 -1.17 -26.13 -8.30
N THR A 350 -1.62 -27.17 -7.63
CA THR A 350 -2.91 -27.83 -7.99
C THR A 350 -3.97 -27.43 -6.96
N LEU A 351 -4.95 -26.64 -7.39
CA LEU A 351 -6.09 -26.27 -6.52
C LEU A 351 -6.90 -27.51 -6.20
N ASP A 352 -7.47 -27.55 -5.01
CA ASP A 352 -8.31 -28.70 -4.60
C ASP A 352 -9.48 -28.17 -3.79
N ASP A 353 -10.62 -28.06 -4.44
CA ASP A 353 -11.89 -27.64 -3.84
C ASP A 353 -12.77 -28.82 -3.48
N THR A 354 -12.25 -30.04 -3.51
CA THR A 354 -13.12 -31.24 -3.30
C THR A 354 -13.53 -31.29 -1.81
N THR A 355 -14.74 -31.73 -1.53
CA THR A 355 -15.23 -32.09 -0.17
C THR A 355 -15.07 -33.59 -0.01
N LYS A 356 -14.35 -34.02 0.99
CA LYS A 356 -14.09 -35.43 1.29
C LYS A 356 -15.40 -36.01 1.84
N ILE A 357 -15.92 -37.04 1.21
CA ILE A 357 -17.10 -37.75 1.78
C ILE A 357 -16.61 -39.12 2.26
N TYR A 358 -17.31 -39.68 3.25
CA TYR A 358 -17.03 -40.99 3.88
C TYR A 358 -15.72 -40.98 4.69
N SER A 359 -15.27 -39.80 5.09
CA SER A 359 -13.97 -39.66 5.78
C SER A 359 -14.19 -40.01 7.25
N MET A 360 -13.15 -40.45 7.96
CA MET A 360 -13.31 -41.00 9.34
C MET A 360 -13.43 -39.85 10.34
N PRO A 368 -2.88 -31.51 3.51
CA PRO A 368 -3.18 -30.11 3.86
C PRO A 368 -4.08 -29.42 2.82
N ALA A 369 -3.66 -29.39 1.54
CA ALA A 369 -4.41 -29.05 0.28
C ALA A 369 -4.83 -27.58 0.20
N MET A 370 -4.55 -26.93 -0.92
CA MET A 370 -4.87 -25.49 -1.11
C MET A 370 -6.20 -25.39 -1.86
N SER A 371 -7.23 -24.92 -1.18
CA SER A 371 -8.50 -24.60 -1.85
C SER A 371 -8.39 -23.26 -2.58
N THR A 372 -9.33 -22.98 -3.45
CA THR A 372 -9.42 -21.67 -4.14
C THR A 372 -9.56 -20.59 -3.06
N ARG A 373 -10.38 -20.85 -2.05
CA ARG A 373 -10.63 -19.83 -1.02
C ARG A 373 -9.34 -19.55 -0.28
N ASP A 374 -8.59 -20.60 0.07
CA ASP A 374 -7.32 -20.46 0.81
C ASP A 374 -6.36 -19.61 -0.03
N LEU A 375 -6.30 -19.86 -1.34
CA LEU A 375 -5.31 -19.16 -2.20
C LEU A 375 -5.74 -17.71 -2.34
N VAL A 376 -7.02 -17.47 -2.56
CA VAL A 376 -7.56 -16.11 -2.69
C VAL A 376 -7.26 -15.32 -1.41
N ASP A 377 -7.48 -15.91 -0.25
CA ASP A 377 -7.18 -15.23 1.03
C ASP A 377 -5.70 -14.92 1.15
N LEU A 378 -4.83 -15.86 0.77
CA LEU A 378 -3.35 -15.66 0.83
C LEU A 378 -2.99 -14.46 -0.05
N ILE A 379 -3.60 -14.36 -1.24
CA ILE A 379 -3.24 -13.26 -2.16
C ILE A 379 -3.77 -11.93 -1.66
N LYS A 380 -5.03 -11.88 -1.21
CA LYS A 380 -5.59 -10.62 -0.70
C LYS A 380 -4.88 -10.17 0.57
N GLN A 381 -4.30 -11.08 1.34
CA GLN A 381 -3.65 -10.72 2.63
C GLN A 381 -2.40 -9.84 2.39
N VAL A 382 -1.79 -9.93 1.21
CA VAL A 382 -0.68 -9.03 0.82
C VAL A 382 -1.11 -8.02 -0.21
N LYS A 383 -2.42 -7.69 -0.23
CA LYS A 383 -2.96 -6.52 -0.96
C LYS A 383 -2.88 -6.72 -2.47
N ARG A 384 -3.02 -7.95 -2.90
CA ARG A 384 -2.96 -8.25 -4.35
C ARG A 384 -4.31 -8.73 -4.88
N LYS A 385 -4.44 -8.73 -6.21
CA LYS A 385 -5.70 -9.04 -6.90
C LYS A 385 -5.69 -10.48 -7.42
N PRO A 386 -6.43 -11.42 -6.79
CA PRO A 386 -6.41 -12.83 -7.21
C PRO A 386 -7.24 -13.01 -8.49
N ILE A 387 -6.55 -13.40 -9.56
CA ILE A 387 -7.18 -13.66 -10.88
C ILE A 387 -7.00 -15.15 -11.18
N GLU A 388 -8.10 -15.90 -11.18
CA GLU A 388 -8.11 -17.26 -11.73
C GLU A 388 -8.12 -17.09 -13.24
N ARG A 389 -7.09 -17.59 -13.90
CA ARG A 389 -6.84 -17.34 -15.32
C ARG A 389 -6.95 -18.63 -16.14
N ASP A 390 -7.11 -18.44 -17.44
CA ASP A 390 -7.19 -19.54 -18.44
C ASP A 390 -5.87 -19.66 -19.18
N THR A 391 -5.82 -20.46 -20.22
CA THR A 391 -4.53 -20.73 -20.94
C THR A 391 -4.01 -19.44 -21.61
N LEU A 392 -4.88 -18.50 -21.98
CA LEU A 392 -4.49 -17.23 -22.63
C LEU A 392 -4.19 -16.15 -21.59
N TYR A 393 -4.08 -16.51 -20.31
CA TYR A 393 -3.90 -15.56 -19.18
C TYR A 393 -5.01 -14.51 -19.16
N ASN A 394 -6.21 -14.89 -19.61
CA ASN A 394 -7.42 -14.09 -19.44
C ASN A 394 -8.21 -14.57 -18.22
N VAL A 395 -9.11 -13.73 -17.76
CA VAL A 395 -9.82 -14.02 -16.47
C VAL A 395 -10.86 -15.13 -16.64
N VAL A 396 -10.87 -16.05 -15.71
CA VAL A 396 -12.03 -16.94 -15.46
C VAL A 396 -12.85 -16.28 -14.36
N THR A 397 -12.21 -16.04 -13.21
CA THR A 397 -12.86 -15.32 -12.08
C THR A 397 -11.87 -14.34 -11.48
N ASP A 398 -12.28 -13.09 -11.38
CA ASP A 398 -11.55 -12.01 -10.66
C ASP A 398 -12.04 -12.01 -9.22
N TYR A 399 -11.28 -12.57 -8.29
CA TYR A 399 -11.78 -12.73 -6.91
C TYR A 399 -11.70 -11.41 -6.15
N SER A 400 -11.10 -10.37 -6.71
CA SER A 400 -11.14 -9.02 -6.10
C SER A 400 -12.57 -8.45 -6.14
N GLN A 401 -13.44 -8.96 -7.00
CA GLN A 401 -14.86 -8.53 -7.11
C GLN A 401 -15.80 -9.54 -6.41
N VAL A 402 -15.28 -10.51 -5.65
CA VAL A 402 -16.03 -11.60 -4.97
C VAL A 402 -15.85 -11.43 -3.45
N THR A 403 -16.93 -11.56 -2.69
CA THR A 403 -16.93 -11.63 -1.20
C THR A 403 -17.62 -12.94 -0.83
N PHE A 404 -16.96 -13.83 -0.08
CA PHE A 404 -17.42 -15.21 0.17
C PHE A 404 -18.50 -15.23 1.27
N GLY B 14 15.02 -12.53 10.42
CA GLY B 14 14.15 -13.38 9.57
C GLY B 14 13.58 -12.53 8.41
N THR B 15 12.27 -12.63 8.16
CA THR B 15 11.46 -11.69 7.32
C THR B 15 10.21 -11.27 8.09
N GLU B 16 10.20 -11.45 9.42
CA GLU B 16 8.99 -11.33 10.28
C GLU B 16 8.41 -9.92 10.16
N ASN B 17 9.27 -8.90 10.28
CA ASN B 17 8.86 -7.47 10.30
C ASN B 17 8.33 -7.13 8.92
N LEU B 18 9.07 -7.56 7.89
CA LEU B 18 8.66 -7.30 6.50
C LEU B 18 7.27 -7.93 6.23
N TYR B 19 7.04 -9.12 6.70
CA TYR B 19 5.75 -9.82 6.47
C TYR B 19 4.63 -9.03 7.13
N PHE B 20 4.84 -8.63 8.39
CA PHE B 20 3.81 -7.85 9.11
C PHE B 20 3.53 -6.56 8.33
N GLN B 21 4.57 -5.85 7.86
CA GLN B 21 4.44 -4.56 7.14
C GLN B 21 3.66 -4.76 5.84
N SER B 22 3.68 -5.96 5.29
CA SER B 22 3.12 -6.30 3.95
C SER B 22 1.65 -6.69 4.04
N MET B 23 1.11 -6.89 5.24
CA MET B 23 -0.28 -7.36 5.45
C MET B 23 -1.28 -6.24 5.21
N ASP B 24 -2.48 -6.65 4.79
CA ASP B 24 -3.60 -5.73 4.65
C ASP B 24 -3.96 -5.22 6.06
N THR B 25 -4.67 -4.10 6.08
CA THR B 25 -5.05 -3.39 7.32
C THR B 25 -5.82 -4.31 8.28
N THR B 26 -6.80 -5.04 7.77
CA THR B 26 -7.62 -5.97 8.60
C THR B 26 -6.74 -7.09 9.17
N SER B 27 -5.86 -7.69 8.37
CA SER B 27 -4.97 -8.77 8.84
C SER B 27 -4.02 -8.28 9.91
N LYS B 28 -3.52 -7.04 9.80
CA LYS B 28 -2.62 -6.48 10.83
C LYS B 28 -3.30 -6.45 12.19
N LEU B 29 -4.56 -6.00 12.25
CA LEU B 29 -5.27 -5.92 13.53
C LEU B 29 -5.49 -7.34 14.08
N ALA B 30 -5.89 -8.29 13.24
CA ALA B 30 -6.01 -9.72 13.64
C ALA B 30 -4.66 -10.24 14.16
N LEU B 31 -3.54 -9.90 13.53
CA LEU B 31 -2.21 -10.39 13.99
C LEU B 31 -1.90 -9.85 15.39
N ILE B 32 -2.19 -8.57 15.65
CA ILE B 32 -1.96 -7.95 16.97
C ILE B 32 -2.80 -8.68 18.02
N LEU B 33 -4.04 -9.02 17.68
CA LEU B 33 -4.99 -9.62 18.64
C LEU B 33 -4.58 -11.07 18.93
N ALA B 34 -3.83 -11.69 18.02
CA ALA B 34 -3.37 -13.09 18.17
C ALA B 34 -1.97 -13.13 18.80
N ASP B 35 -1.29 -12.02 18.98
CA ASP B 35 0.09 -11.99 19.54
C ASP B 35 0.03 -12.33 21.05
N ALA B 36 0.55 -13.49 21.46
CA ALA B 36 0.52 -14.01 22.86
C ALA B 36 1.24 -13.05 23.83
N ASP B 37 2.25 -12.31 23.35
CA ASP B 37 3.11 -11.41 24.14
C ASP B 37 2.50 -10.02 24.36
N LEU B 38 1.49 -9.63 23.56
CA LEU B 38 0.86 -8.29 23.68
C LEU B 38 0.24 -8.17 25.07
N PRO B 39 0.60 -7.15 25.87
CA PRO B 39 -0.03 -6.96 27.18
C PRO B 39 -1.54 -6.96 27.01
N ALA B 40 -2.25 -7.49 28.02
CA ALA B 40 -3.71 -7.70 28.03
C ALA B 40 -4.42 -6.34 27.86
N ALA B 41 -3.91 -5.29 28.47
CA ALA B 41 -4.53 -3.95 28.37
C ALA B 41 -4.63 -3.56 26.89
N LEU B 42 -3.56 -3.79 26.14
CA LEU B 42 -3.45 -3.35 24.71
C LEU B 42 -4.30 -4.28 23.83
N LYS B 43 -4.41 -5.56 24.20
CA LYS B 43 -5.29 -6.48 23.44
C LYS B 43 -6.76 -6.05 23.63
N ALA B 44 -7.13 -5.63 24.83
CA ALA B 44 -8.53 -5.29 25.13
C ALA B 44 -8.92 -4.05 24.31
N ILE B 45 -7.99 -3.10 24.20
CA ILE B 45 -8.24 -1.86 23.45
C ILE B 45 -8.31 -2.21 21.96
N ALA B 46 -7.40 -3.05 21.48
CA ALA B 46 -7.37 -3.47 20.06
C ALA B 46 -8.69 -4.16 19.71
N LEU B 47 -9.22 -4.97 20.64
CA LEU B 47 -10.50 -5.71 20.43
C LEU B 47 -11.65 -4.72 20.40
N LYS B 48 -11.64 -3.69 21.24
CA LYS B 48 -12.69 -2.66 21.17
C LYS B 48 -12.71 -2.07 19.76
N VAL B 49 -11.54 -1.76 19.23
CA VAL B 49 -11.41 -1.09 17.91
C VAL B 49 -11.95 -2.05 16.85
N GLN B 50 -11.60 -3.33 16.94
CA GLN B 50 -12.11 -4.35 15.99
C GLN B 50 -13.65 -4.42 16.03
N ASN B 51 -14.24 -4.11 17.19
CA ASN B 51 -15.71 -4.17 17.46
C ASN B 51 -16.36 -2.78 17.34
N GLN B 52 -15.62 -1.75 16.97
CA GLN B 52 -16.14 -0.35 16.88
C GLN B 52 -16.72 0.08 18.23
N GLU B 53 -16.09 -0.35 19.32
CA GLU B 53 -16.49 0.07 20.67
C GLU B 53 -15.64 1.27 21.13
N ARG B 54 -16.21 2.09 21.99
CA ARG B 54 -15.61 3.33 22.52
C ARG B 54 -14.55 2.96 23.55
N ILE B 55 -13.42 3.61 23.47
CA ILE B 55 -12.39 3.47 24.54
C ILE B 55 -12.65 4.50 25.62
N THR B 56 -12.26 4.15 26.85
CA THR B 56 -12.51 4.99 28.02
C THR B 56 -11.38 6.00 28.19
N PHE B 57 -11.64 6.98 29.03
CA PHE B 57 -10.61 7.94 29.47
C PHE B 57 -9.36 7.20 29.92
N ASP B 58 -9.51 6.22 30.82
CA ASP B 58 -8.31 5.51 31.35
C ASP B 58 -7.58 4.75 30.22
N GLU B 59 -8.31 4.19 29.25
CA GLU B 59 -7.69 3.49 28.12
C GLU B 59 -6.93 4.50 27.24
N GLY B 60 -7.49 5.71 27.08
CA GLY B 60 -6.82 6.80 26.33
C GLY B 60 -5.50 7.15 26.98
N VAL B 61 -5.51 7.36 28.28
CA VAL B 61 -4.26 7.66 29.03
C VAL B 61 -3.28 6.50 28.86
N TYR B 62 -3.78 5.28 28.93
CA TYR B 62 -2.94 4.07 28.85
C TYR B 62 -2.24 4.03 27.49
N LEU B 63 -2.98 4.33 26.41
CA LEU B 63 -2.33 4.40 25.09
C LEU B 63 -1.23 5.46 25.05
N TYR B 64 -1.48 6.67 25.55
CA TYR B 64 -0.46 7.72 25.51
C TYR B 64 0.77 7.27 26.30
N GLU B 65 0.57 6.64 27.45
CA GLU B 65 1.73 6.32 28.34
C GLU B 65 2.48 5.07 27.85
N ASN B 66 1.84 4.15 27.14
CA ASN B 66 2.40 2.77 26.94
C ASN B 66 2.49 2.36 25.47
N ALA B 67 1.59 2.81 24.60
CA ALA B 67 1.50 2.21 23.25
C ALA B 67 2.61 2.72 22.32
N GLU B 68 3.20 1.80 21.58
CA GLU B 68 4.20 2.07 20.55
C GLU B 68 3.51 2.55 19.27
N LEU B 69 4.26 3.27 18.46
CA LEU B 69 3.77 3.82 17.18
C LEU B 69 3.19 2.71 16.29
N GLY B 70 3.87 1.56 16.13
CA GLY B 70 3.35 0.53 15.20
C GLY B 70 1.95 0.11 15.56
N TYR B 71 1.75 -0.24 16.79
CA TYR B 71 0.45 -0.70 17.35
C TYR B 71 -0.58 0.39 17.06
N LEU B 72 -0.22 1.63 17.37
CA LEU B 72 -1.20 2.73 17.26
C LEU B 72 -1.58 2.93 15.79
N GLY B 73 -0.66 2.75 14.87
CA GLY B 73 -0.94 2.86 13.43
C GLY B 73 -1.87 1.76 12.96
N VAL B 74 -1.68 0.53 13.42
CA VAL B 74 -2.64 -0.57 13.10
C VAL B 74 -4.06 -0.19 13.51
N LEU B 75 -4.27 0.27 14.74
CA LEU B 75 -5.63 0.62 15.19
C LEU B 75 -6.17 1.83 14.43
N ALA B 76 -5.41 2.92 14.41
CA ALA B 76 -5.89 4.19 13.83
C ALA B 76 -6.15 4.00 12.35
N ASN B 77 -5.25 3.30 11.66
CA ASN B 77 -5.41 3.14 10.21
C ASN B 77 -6.61 2.24 9.90
N TYR B 78 -6.87 1.25 10.76
CA TYR B 78 -8.06 0.38 10.60
C TYR B 78 -9.31 1.25 10.64
N ILE B 79 -9.36 2.19 11.62
CA ILE B 79 -10.52 3.10 11.75
C ILE B 79 -10.60 4.02 10.52
N ARG B 80 -9.48 4.65 10.18
CA ARG B 80 -9.43 5.65 9.10
C ARG B 80 -9.91 4.99 7.80
N GLU B 81 -9.49 3.76 7.50
CA GLU B 81 -9.88 3.05 6.24
C GLU B 81 -11.32 2.55 6.34
N GLN B 82 -11.77 2.12 7.52
CA GLN B 82 -13.18 1.73 7.71
C GLN B 82 -14.06 2.94 7.40
N LYS B 83 -13.68 4.15 7.82
CA LYS B 83 -14.56 5.34 7.63
C LYS B 83 -14.43 5.92 6.23
N HIS B 84 -13.24 5.91 5.66
CA HIS B 84 -12.89 6.81 4.53
C HIS B 84 -12.17 6.05 3.41
N GLY B 85 -11.92 4.78 3.59
CA GLY B 85 -11.02 4.08 2.66
C GLY B 85 -9.71 4.84 2.48
N ASP B 86 -9.34 5.13 1.24
CA ASP B 86 -8.11 5.88 0.92
C ASP B 86 -8.40 7.37 0.74
N ASN B 87 -9.65 7.77 0.83
CA ASN B 87 -10.03 9.16 0.51
C ASN B 87 -9.29 10.10 1.43
N THR B 88 -8.73 11.14 0.85
CA THR B 88 -7.98 12.17 1.59
C THR B 88 -8.48 13.51 1.09
N TYR B 89 -9.24 14.19 1.93
CA TYR B 89 -10.08 15.30 1.49
C TYR B 89 -9.36 16.65 1.60
N PHE B 90 -9.65 17.58 0.68
CA PHE B 90 -9.19 18.96 0.75
C PHE B 90 -10.18 19.85 0.03
N ASN B 91 -10.08 21.16 0.27
CA ASN B 91 -10.94 22.12 -0.47
C ASN B 91 -10.12 23.38 -0.74
N ARG B 92 -10.76 24.33 -1.40
CA ARG B 92 -10.13 25.56 -1.90
C ARG B 92 -10.63 26.72 -1.05
N ASN B 93 -9.79 27.18 -0.14
CA ASN B 93 -10.21 28.25 0.79
C ASN B 93 -9.18 29.38 0.74
N PHE B 94 -9.54 30.51 1.34
CA PHE B 94 -8.60 31.60 1.58
C PHE B 94 -8.93 32.19 2.92
N HIS B 95 -8.00 33.03 3.41
CA HIS B 95 -8.08 33.57 4.78
C HIS B 95 -8.18 35.09 4.75
N ILE B 96 -8.90 35.65 5.72
CA ILE B 96 -8.81 37.09 6.06
C ILE B 96 -8.48 37.18 7.55
N GLU B 97 -7.49 37.98 7.88
CA GLU B 97 -7.07 38.19 9.28
C GLU B 97 -7.48 39.59 9.69
N PRO B 98 -8.61 39.78 10.39
CA PRO B 98 -9.03 41.14 10.73
C PRO B 98 -8.04 41.95 11.58
N THR B 99 -7.32 41.30 12.49
CA THR B 99 -6.29 42.02 13.26
C THR B 99 -5.21 41.05 13.67
N ASN B 100 -3.96 41.55 13.80
CA ASN B 100 -2.82 40.72 14.22
C ASN B 100 -2.34 41.24 15.56
N VAL B 101 -3.24 41.85 16.32
CA VAL B 101 -2.95 42.16 17.74
C VAL B 101 -4.16 41.71 18.53
N CYS B 102 -4.08 41.75 19.84
CA CYS B 102 -5.11 41.09 20.65
C CYS B 102 -5.11 41.64 22.06
N VAL B 103 -6.28 41.62 22.69
CA VAL B 103 -6.42 42.05 24.11
C VAL B 103 -5.96 40.96 25.05
N TYR B 104 -5.96 39.70 24.61
CA TYR B 104 -5.68 38.56 25.51
C TYR B 104 -4.21 38.23 25.58
N ASP B 105 -3.88 37.30 26.46
CA ASP B 105 -2.47 36.95 26.74
C ASP B 105 -2.27 35.44 26.75
N CYS B 106 -2.22 34.84 25.58
CA CYS B 106 -1.92 33.40 25.43
C CYS B 106 -0.40 33.23 25.30
N LYS B 107 0.19 32.38 26.14
CA LYS B 107 1.66 32.30 26.28
C LYS B 107 2.29 31.62 25.07
N PHE B 108 1.49 30.97 24.23
CA PHE B 108 1.99 30.30 23.00
C PHE B 108 1.76 31.13 21.73
N CYS B 109 1.17 32.33 21.84
CA CYS B 109 0.74 33.09 20.64
C CYS B 109 1.58 34.36 20.44
N SER B 110 2.01 34.63 19.21
CA SER B 110 2.76 35.84 18.83
C SER B 110 1.90 37.11 18.95
N TYR B 111 0.57 37.00 19.03
CA TYR B 111 -0.31 38.20 19.13
C TYR B 111 -0.66 38.58 20.56
N SER B 112 -0.14 37.87 21.56
CA SER B 112 -0.40 38.18 22.97
C SER B 112 -0.13 39.66 23.24
N ARG B 113 -1.03 40.31 24.00
CA ARG B 113 -0.83 41.73 24.40
C ARG B 113 0.45 41.88 25.23
N LEU B 114 1.02 40.80 25.79
CA LEU B 114 2.29 40.94 26.55
C LEU B 114 3.52 40.98 25.65
N ILE B 115 3.44 40.52 24.41
CA ILE B 115 4.66 40.53 23.54
C ILE B 115 4.45 41.46 22.35
N LYS B 116 3.24 41.92 22.08
CA LYS B 116 2.95 42.72 20.89
C LYS B 116 2.04 43.89 21.27
N GLN B 117 2.54 45.13 21.19
CA GLN B 117 1.70 46.33 21.49
C GLN B 117 0.80 46.58 20.27
N LYS B 118 -0.37 47.17 20.52
CA LYS B 118 -1.41 47.49 19.51
C LYS B 118 -0.74 48.20 18.31
N GLU B 119 0.22 49.11 18.58
CA GLU B 119 0.92 49.92 17.54
C GLU B 119 1.79 49.04 16.63
N GLU B 120 2.19 47.85 17.09
CA GLU B 120 3.09 46.96 16.30
C GLU B 120 2.31 46.19 15.22
N GLY B 121 0.98 46.31 15.22
CA GLY B 121 0.12 45.62 14.25
C GLY B 121 -0.91 46.55 13.65
N TRP B 122 -1.96 45.95 13.11
CA TRP B 122 -3.02 46.66 12.38
C TRP B 122 -4.36 46.02 12.73
N GLU B 123 -5.40 46.81 12.52
CA GLU B 123 -6.81 46.40 12.72
CA GLU B 123 -6.79 46.39 12.71
C GLU B 123 -7.52 46.80 11.43
N MET B 124 -7.96 45.82 10.65
CA MET B 124 -8.67 46.20 9.41
C MET B 124 -9.99 46.86 9.75
N SER B 125 -10.45 47.70 8.83
CA SER B 125 -11.84 48.17 8.79
C SER B 125 -12.66 47.14 8.02
N VAL B 126 -13.97 47.28 8.07
CA VAL B 126 -14.85 46.43 7.25
C VAL B 126 -14.54 46.70 5.77
N ASP B 127 -14.38 47.96 5.36
CA ASP B 127 -13.91 48.31 4.00
C ASP B 127 -12.63 47.54 3.63
N GLY B 128 -11.64 47.49 4.53
CA GLY B 128 -10.38 46.79 4.24
C GLY B 128 -10.57 45.29 4.08
N MET B 129 -11.43 44.71 4.91
CA MET B 129 -11.72 43.25 4.84
C MET B 129 -12.38 42.98 3.49
N MET B 130 -13.29 43.84 3.06
CA MET B 130 -14.00 43.68 1.77
C MET B 130 -13.02 43.86 0.60
N GLU B 131 -12.02 44.73 0.74
CA GLU B 131 -11.00 44.89 -0.32
C GLU B 131 -10.20 43.59 -0.44
N VAL B 132 -9.83 42.96 0.68
CA VAL B 132 -9.15 41.64 0.65
C VAL B 132 -10.07 40.61 -0.03
N LEU B 133 -11.30 40.48 0.40
CA LEU B 133 -12.27 39.50 -0.17
C LEU B 133 -12.36 39.67 -1.70
N LYS B 134 -12.42 40.90 -2.20
CA LYS B 134 -12.62 41.17 -3.65
C LYS B 134 -11.39 40.71 -4.46
N LYS B 135 -10.21 40.61 -3.87
CA LYS B 135 -9.01 40.09 -4.59
C LYS B 135 -9.27 38.64 -5.04
N TYR B 136 -10.23 37.93 -4.42
CA TYR B 136 -10.51 36.51 -4.74
C TYR B 136 -11.75 36.36 -5.61
N ASP B 137 -12.31 37.47 -6.11
CA ASP B 137 -13.57 37.41 -6.89
C ASP B 137 -13.46 36.49 -8.10
N HIS B 138 -12.29 36.40 -8.72
CA HIS B 138 -12.14 35.57 -9.95
C HIS B 138 -11.28 34.35 -9.66
N GLU B 139 -11.42 33.85 -8.42
CA GLU B 139 -10.73 32.64 -7.96
C GLU B 139 -11.78 31.61 -7.57
N PRO B 140 -11.46 30.30 -7.80
CA PRO B 140 -12.39 29.20 -7.53
C PRO B 140 -12.38 28.78 -6.06
N VAL B 141 -12.19 29.73 -5.15
CA VAL B 141 -12.41 29.53 -3.70
C VAL B 141 -13.90 29.29 -3.44
N THR B 142 -14.21 28.45 -2.48
CA THR B 142 -15.62 28.15 -2.16
C THR B 142 -15.93 28.68 -0.76
N GLU B 143 -14.92 28.98 0.04
CA GLU B 143 -15.14 29.49 1.39
C GLU B 143 -13.99 30.38 1.82
N VAL B 144 -14.33 31.33 2.68
CA VAL B 144 -13.35 32.19 3.36
C VAL B 144 -13.31 31.82 4.84
N HIS B 145 -12.10 31.80 5.36
CA HIS B 145 -11.83 31.52 6.79
C HIS B 145 -11.37 32.80 7.45
N ILE B 146 -12.03 33.17 8.53
CA ILE B 146 -11.77 34.47 9.22
C ILE B 146 -11.38 34.16 10.65
N THR B 147 -10.18 34.53 11.04
CA THR B 147 -9.62 34.26 12.37
C THR B 147 -8.57 35.32 12.64
N GLY B 148 -8.24 35.51 13.90
CA GLY B 148 -7.21 36.46 14.28
C GLY B 148 -7.38 36.88 15.72
N GLY B 149 -6.79 38.04 16.04
CA GLY B 149 -6.88 38.61 17.38
C GLY B 149 -8.26 39.15 17.68
N VAL B 150 -8.44 39.50 18.95
CA VAL B 150 -9.66 40.09 19.52
C VAL B 150 -9.37 41.54 19.94
N VAL B 151 -10.09 42.50 19.40
CA VAL B 151 -9.90 43.94 19.75
C VAL B 151 -11.24 44.62 19.88
N PRO B 152 -11.32 45.69 20.70
CA PRO B 152 -12.60 46.31 20.98
C PRO B 152 -13.34 46.93 19.79
N LYS B 153 -12.64 47.44 18.78
CA LYS B 153 -13.30 48.09 17.62
C LYS B 153 -14.01 47.03 16.76
N GLN B 154 -13.52 45.80 16.83
CA GLN B 154 -14.04 44.69 16.01
C GLN B 154 -15.10 43.96 16.82
N ASN B 155 -16.26 44.60 16.90
CA ASN B 155 -17.33 44.23 17.85
C ASN B 155 -18.47 43.56 17.09
N LEU B 156 -19.60 43.36 17.74
CA LEU B 156 -20.77 42.72 17.09
C LEU B 156 -21.13 43.43 15.80
N GLU B 157 -21.26 44.75 15.82
CA GLU B 157 -21.67 45.52 14.61
C GLU B 157 -20.64 45.38 13.49
N PHE B 158 -19.36 45.37 13.84
CA PHE B 158 -18.24 45.27 12.87
C PHE B 158 -18.41 43.96 12.09
N TYR B 159 -18.52 42.87 12.84
CA TYR B 159 -18.53 41.55 12.18
C TYR B 159 -19.83 41.34 11.45
N SER B 160 -20.95 41.70 12.04
CA SER B 160 -22.24 41.53 11.35
C SER B 160 -22.26 42.38 10.07
N ASP B 161 -21.78 43.62 10.10
CA ASP B 161 -21.70 44.46 8.89
CA ASP B 161 -21.69 44.47 8.88
C ASP B 161 -20.81 43.79 7.83
N PHE B 162 -19.68 43.25 8.23
CA PHE B 162 -18.81 42.52 7.28
C PHE B 162 -19.57 41.32 6.68
N PHE B 163 -20.21 40.47 7.49
CA PHE B 163 -20.90 39.26 6.95
C PHE B 163 -21.93 39.73 5.93
N ARG B 164 -22.71 40.77 6.26
CA ARG B 164 -23.77 41.26 5.34
C ARG B 164 -23.12 41.78 4.07
N ARG B 165 -22.05 42.55 4.16
CA ARG B 165 -21.38 43.08 2.93
C ARG B 165 -20.78 41.95 2.08
N ALA B 166 -20.15 40.97 2.71
CA ALA B 166 -19.60 39.79 1.99
C ALA B 166 -20.72 39.06 1.26
N LYS B 167 -21.83 38.76 1.93
CA LYS B 167 -22.94 38.00 1.29
C LYS B 167 -23.59 38.85 0.19
N ALA B 168 -23.65 40.18 0.37
CA ALA B 168 -24.25 41.04 -0.69
C ALA B 168 -23.40 41.01 -1.96
N HIS B 169 -22.09 41.00 -1.76
CA HIS B 169 -21.12 41.11 -2.86
C HIS B 169 -20.93 39.76 -3.54
N ARG B 170 -20.78 38.70 -2.76
CA ARG B 170 -20.53 37.32 -3.26
C ARG B 170 -21.39 36.34 -2.49
N PRO B 171 -22.68 36.21 -2.86
CA PRO B 171 -23.64 35.46 -2.07
C PRO B 171 -23.24 33.99 -1.82
N GLU B 172 -22.59 33.41 -2.80
CA GLU B 172 -22.29 31.95 -2.86
C GLU B 172 -21.03 31.63 -2.04
N LEU B 173 -20.27 32.63 -1.59
CA LEU B 173 -19.03 32.36 -0.82
C LEU B 173 -19.39 32.02 0.62
N HIS B 174 -19.08 30.80 1.05
CA HIS B 174 -19.31 30.31 2.44
C HIS B 174 -18.38 31.07 3.38
N ILE B 175 -18.93 31.52 4.50
CA ILE B 175 -18.18 32.23 5.54
C ILE B 175 -17.99 31.32 6.74
N LYS B 176 -16.75 30.96 7.02
CA LYS B 176 -16.34 30.15 8.19
C LYS B 176 -15.54 31.09 9.09
N ALA B 177 -16.13 31.60 10.16
CA ALA B 177 -15.51 32.78 10.83
C ALA B 177 -15.59 32.69 12.35
N LEU B 178 -14.46 32.91 12.98
CA LEU B 178 -14.28 33.33 14.39
C LEU B 178 -14.51 32.16 15.34
N THR B 179 -13.86 32.21 16.48
CA THR B 179 -13.95 31.16 17.47
C THR B 179 -14.75 31.64 18.66
N PRO B 180 -15.10 30.75 19.61
CA PRO B 180 -15.78 31.19 20.83
C PRO B 180 -14.99 32.24 21.63
N VAL B 181 -13.68 32.28 21.44
CA VAL B 181 -12.85 33.29 22.13
C VAL B 181 -13.35 34.66 21.65
N GLU B 182 -13.59 34.83 20.36
CA GLU B 182 -14.08 36.09 19.79
C GLU B 182 -15.57 36.24 20.17
N TYR B 183 -16.38 35.23 19.95
CA TYR B 183 -17.84 35.32 20.18
C TYR B 183 -18.17 35.59 21.66
N TYR B 184 -17.44 35.00 22.60
CA TYR B 184 -17.68 35.25 24.04
C TYR B 184 -17.53 36.76 24.32
N TYR B 185 -16.42 37.30 23.83
CA TYR B 185 -16.05 38.73 24.03
C TYR B 185 -17.08 39.66 23.38
N ILE B 186 -17.47 39.41 22.13
CA ILE B 186 -18.44 40.26 21.39
C ILE B 186 -19.83 40.14 22.03
N PHE B 187 -20.29 38.96 22.42
CA PHE B 187 -21.66 38.77 22.95
C PHE B 187 -21.73 39.33 24.38
N LYS B 188 -20.63 39.27 25.14
CA LYS B 188 -20.68 39.85 26.50
C LYS B 188 -20.87 41.37 26.38
N LYS B 189 -20.10 41.99 25.50
CA LYS B 189 -20.17 43.47 25.35
C LYS B 189 -21.53 43.87 24.75
N ALA B 190 -22.10 43.06 23.85
CA ALA B 190 -23.41 43.33 23.21
C ALA B 190 -24.60 42.94 24.10
N LYS B 191 -24.37 42.26 25.23
CA LYS B 191 -25.47 41.80 26.11
C LYS B 191 -26.50 40.99 25.32
N LEU B 192 -26.00 39.98 24.61
CA LEU B 192 -26.80 38.90 23.96
C LEU B 192 -26.40 37.58 24.57
N SER B 193 -27.36 36.68 24.70
CA SER B 193 -27.04 35.30 25.10
C SER B 193 -26.19 34.69 23.99
N HIS B 194 -25.50 33.62 24.30
CA HIS B 194 -24.70 32.91 23.26
C HIS B 194 -25.64 32.46 22.15
N TYR B 195 -26.83 31.92 22.47
CA TYR B 195 -27.76 31.48 21.42
C TYR B 195 -28.19 32.65 20.55
N ASP B 196 -28.65 33.74 21.15
CA ASP B 196 -29.17 34.89 20.40
C ASP B 196 -28.02 35.54 19.60
N GLY B 197 -26.80 35.54 20.14
CA GLY B 197 -25.63 36.06 19.42
C GLY B 197 -25.34 35.21 18.18
N MET B 198 -25.24 33.91 18.34
CA MET B 198 -24.95 33.04 17.19
C MET B 198 -26.09 33.17 16.18
N LYS B 199 -27.32 33.30 16.66
CA LYS B 199 -28.48 33.39 15.73
C LYS B 199 -28.37 34.66 14.92
N TYR B 200 -28.01 35.75 15.57
CA TYR B 200 -27.82 37.06 14.92
C TYR B 200 -26.69 36.99 13.87
N MET B 201 -25.57 36.37 14.23
CA MET B 201 -24.45 36.26 13.27
C MET B 201 -24.84 35.35 12.10
N GLN B 202 -25.53 34.25 12.36
CA GLN B 202 -25.98 33.37 11.25
C GLN B 202 -26.89 34.17 10.32
N GLU B 203 -27.81 34.95 10.88
CA GLU B 203 -28.73 35.74 10.02
C GLU B 203 -27.92 36.73 9.18
N ALA B 204 -26.85 37.28 9.75
CA ALA B 204 -25.98 38.25 9.04
C ALA B 204 -25.22 37.59 7.88
N GLY B 205 -24.98 36.27 7.96
CA GLY B 205 -24.28 35.57 6.87
C GLY B 205 -23.25 34.57 7.34
N LEU B 206 -23.05 34.43 8.65
CA LEU B 206 -22.12 33.39 9.14
C LEU B 206 -22.66 32.01 8.73
N ASP B 207 -21.81 31.17 8.15
CA ASP B 207 -22.24 29.80 7.72
C ASP B 207 -21.74 28.73 8.70
N SER B 208 -20.49 28.80 9.15
CA SER B 208 -19.89 27.77 10.01
C SER B 208 -18.82 28.41 10.84
N MET B 209 -18.34 27.67 11.83
N MET B 209 -18.29 27.67 11.82
CA MET B 209 -17.21 28.12 12.67
CA MET B 209 -17.25 28.17 12.77
C MET B 209 -15.99 27.22 12.48
C MET B 209 -16.03 27.24 12.77
N PRO B 210 -14.81 27.81 12.63
CA PRO B 210 -13.57 27.07 12.70
C PRO B 210 -13.37 26.57 14.14
N GLY B 211 -12.34 25.76 14.36
CA GLY B 211 -12.16 25.00 15.59
C GLY B 211 -11.23 25.62 16.60
N GLY B 212 -10.66 26.78 16.32
CA GLY B 212 -9.61 27.35 17.18
C GLY B 212 -10.06 27.78 18.56
N GLY B 213 -9.08 28.07 19.39
CA GLY B 213 -9.34 28.65 20.71
C GLY B 213 -9.56 27.62 21.82
N ALA B 214 -9.58 26.33 21.53
CA ALA B 214 -9.80 25.29 22.54
C ALA B 214 -8.53 25.12 23.38
N GLU B 215 -7.37 25.22 22.77
CA GLU B 215 -6.07 25.04 23.47
C GLU B 215 -6.10 23.73 24.25
N ILE B 216 -5.89 23.76 25.56
CA ILE B 216 -6.25 22.68 26.50
C ILE B 216 -7.35 23.21 27.42
N PHE B 217 -8.39 22.41 27.61
CA PHE B 217 -9.56 22.79 28.45
C PHE B 217 -9.19 22.81 29.93
N HIS B 218 -8.45 21.83 30.40
CA HIS B 218 -8.27 21.66 31.86
C HIS B 218 -7.68 22.91 32.50
N PRO B 219 -8.36 23.45 33.53
CA PRO B 219 -7.87 24.67 34.18
C PRO B 219 -6.41 24.58 34.63
N GLU B 220 -5.92 23.42 35.04
CA GLU B 220 -4.52 23.24 35.48
C GLU B 220 -3.57 23.78 34.40
N VAL B 221 -3.93 23.54 33.13
CA VAL B 221 -3.08 23.96 32.00
C VAL B 221 -3.56 25.33 31.52
N ARG B 222 -4.88 25.52 31.42
CA ARG B 222 -5.44 26.71 30.76
C ARG B 222 -5.05 27.97 31.55
N GLU B 223 -5.07 27.89 32.88
CA GLU B 223 -4.68 29.00 33.79
C GLU B 223 -3.23 29.41 33.50
N LYS B 224 -2.39 28.53 32.97
CA LYS B 224 -0.96 28.83 32.72
C LYS B 224 -0.81 29.37 31.31
N ILE B 225 -1.52 28.86 30.28
CA ILE B 225 -1.17 29.18 28.87
C ILE B 225 -2.20 30.13 28.25
N ALA B 226 -3.42 30.22 28.76
CA ALA B 226 -4.48 31.02 28.09
C ALA B 226 -5.43 31.50 29.17
N HIS B 227 -4.88 32.24 30.13
CA HIS B 227 -5.55 32.44 31.42
C HIS B 227 -6.72 33.40 31.33
N ASP B 228 -6.74 34.32 30.37
CA ASP B 228 -7.75 35.41 30.44
C ASP B 228 -8.85 35.28 29.37
N LYS B 229 -8.66 34.49 28.33
CA LYS B 229 -9.76 34.36 27.34
C LYS B 229 -10.80 33.36 27.84
N CYS B 230 -11.81 33.11 27.03
CA CYS B 230 -12.98 32.31 27.47
C CYS B 230 -12.51 30.93 27.94
N ASN B 231 -13.18 30.38 28.94
CA ASN B 231 -12.84 29.06 29.52
C ASN B 231 -13.48 27.93 28.69
N ALA B 232 -13.22 26.70 29.08
CA ALA B 232 -13.71 25.51 28.36
C ALA B 232 -15.24 25.47 28.36
N GLU B 233 -15.91 25.86 29.47
CA GLU B 233 -17.40 25.76 29.52
C GLU B 233 -17.99 26.70 28.47
N GLN B 234 -17.36 27.88 28.39
CA GLN B 234 -17.81 28.95 27.48
C GLN B 234 -17.55 28.51 26.05
N TRP B 235 -16.38 27.95 25.79
CA TRP B 235 -16.02 27.51 24.42
C TRP B 235 -17.03 26.43 23.96
N LEU B 236 -17.29 25.46 24.80
CA LEU B 236 -18.22 24.34 24.46
C LEU B 236 -19.66 24.87 24.32
N ASP B 237 -20.03 25.84 25.16
CA ASP B 237 -21.39 26.41 25.11
C ASP B 237 -21.62 27.10 23.77
N ILE B 238 -20.63 27.85 23.28
CA ILE B 238 -20.81 28.58 22.00
C ILE B 238 -20.92 27.54 20.87
N HIS B 239 -20.13 26.48 20.86
CA HIS B 239 -20.34 25.39 19.86
C HIS B 239 -21.72 24.78 20.01
N GLU B 240 -22.15 24.52 21.22
CA GLU B 240 -23.52 23.92 21.46
C GLU B 240 -24.54 24.83 20.79
N GLN B 241 -24.51 26.14 20.98
CA GLN B 241 -25.54 27.05 20.39
C GLN B 241 -25.44 27.04 18.87
N ALA B 242 -24.23 27.04 18.31
CA ALA B 242 -24.03 26.96 16.88
C ALA B 242 -24.69 25.66 16.37
N HIS B 243 -24.45 24.55 17.02
CA HIS B 243 -25.02 23.24 16.60
C HIS B 243 -26.55 23.31 16.67
N LYS B 244 -27.11 23.93 17.71
CA LYS B 244 -28.57 23.98 17.85
C LYS B 244 -29.14 24.80 16.70
N LEU B 245 -28.40 25.74 16.11
CA LEU B 245 -28.81 26.58 14.96
C LEU B 245 -28.50 25.87 13.63
N GLY B 246 -28.03 24.65 13.70
CA GLY B 246 -27.82 23.83 12.48
C GLY B 246 -26.45 24.06 11.87
N MET B 247 -25.55 24.78 12.56
CA MET B 247 -24.24 25.12 12.00
C MET B 247 -23.23 23.99 12.22
N LYS B 248 -22.36 23.78 11.25
CA LYS B 248 -21.21 22.89 11.41
C LYS B 248 -20.08 23.65 12.04
N THR B 249 -19.28 22.97 12.85
CA THR B 249 -18.07 23.54 13.45
C THR B 249 -16.99 22.48 13.51
N ASN B 250 -15.75 22.89 13.83
CA ASN B 250 -14.64 21.97 14.11
C ASN B 250 -14.15 22.19 15.52
N ALA B 251 -13.24 21.34 15.96
CA ALA B 251 -12.62 21.46 17.30
C ALA B 251 -11.13 21.22 17.16
N THR B 252 -10.35 21.93 17.95
CA THR B 252 -8.88 21.81 18.02
C THR B 252 -8.45 21.32 19.39
N MET B 253 -7.17 21.00 19.47
CA MET B 253 -6.45 20.73 20.73
C MET B 253 -4.99 21.11 20.54
N LEU B 254 -4.50 22.01 21.39
CA LEU B 254 -3.08 22.42 21.32
C LEU B 254 -2.31 21.46 22.19
N TYR B 255 -1.37 20.70 21.63
CA TYR B 255 -0.66 19.62 22.34
C TYR B 255 0.86 19.77 22.18
N GLY B 256 1.60 19.10 23.08
CA GLY B 256 3.06 18.98 23.00
C GLY B 256 3.74 20.20 23.59
N HIS B 257 3.24 20.67 24.71
CA HIS B 257 3.83 21.84 25.41
C HIS B 257 4.06 21.45 26.87
N ILE B 258 3.28 21.98 27.80
CA ILE B 258 3.48 21.72 29.26
C ILE B 258 2.38 20.83 29.83
N GLU B 259 1.45 20.35 29.00
CA GLU B 259 0.36 19.48 29.49
C GLU B 259 0.90 18.06 29.72
N GLN B 260 0.17 17.30 30.49
CA GLN B 260 0.41 15.86 30.69
C GLN B 260 -0.54 15.11 29.73
N PHE B 261 -0.25 13.87 29.44
CA PHE B 261 -1.14 13.12 28.50
C PHE B 261 -2.59 13.11 28.99
N TRP B 262 -2.84 12.97 30.30
CA TRP B 262 -4.25 12.90 30.76
C TRP B 262 -4.97 14.20 30.48
N HIS B 263 -4.25 15.34 30.36
CA HIS B 263 -4.88 16.63 30.04
C HIS B 263 -5.40 16.55 28.58
N ARG B 264 -4.68 15.86 27.71
CA ARG B 264 -5.13 15.65 26.31
C ARG B 264 -6.38 14.78 26.32
N VAL B 265 -6.38 13.72 27.09
CA VAL B 265 -7.54 12.80 27.07
C VAL B 265 -8.74 13.53 27.70
N ASP B 266 -8.51 14.30 28.76
CA ASP B 266 -9.61 15.10 29.38
C ASP B 266 -10.23 16.03 28.33
N HIS B 267 -9.38 16.65 27.53
CA HIS B 267 -9.79 17.58 26.45
C HIS B 267 -10.68 16.85 25.47
N MET B 268 -10.18 15.71 25.03
CA MET B 268 -10.87 14.92 24.01
C MET B 268 -12.16 14.38 24.60
N GLU B 269 -12.14 13.96 25.87
CA GLU B 269 -13.38 13.50 26.54
C GLU B 269 -14.46 14.60 26.54
N ARG B 270 -14.11 15.85 26.82
CA ARG B 270 -15.10 16.92 26.87
C ARG B 270 -15.64 17.14 25.46
N LEU B 271 -14.76 17.11 24.47
CA LEU B 271 -15.24 17.24 23.06
C LEU B 271 -16.17 16.09 22.67
N ARG B 272 -15.86 14.88 23.06
CA ARG B 272 -16.61 13.65 22.68
C ARG B 272 -17.99 13.68 23.31
N ARG B 273 -18.06 14.15 24.54
CA ARG B 273 -19.36 14.33 25.26
CA ARG B 273 -19.38 14.30 25.23
C ARG B 273 -20.17 15.42 24.54
N GLN B 274 -19.51 16.50 24.14
CA GLN B 274 -20.28 17.59 23.49
C GLN B 274 -20.82 17.06 22.15
N GLN B 275 -20.02 16.32 21.40
CA GLN B 275 -20.44 15.80 20.07
C GLN B 275 -21.62 14.84 20.29
N ASP B 276 -21.58 13.99 21.29
CA ASP B 276 -22.72 13.10 21.61
C ASP B 276 -23.98 13.90 21.93
N LYS B 277 -23.87 15.09 22.52
CA LYS B 277 -25.04 15.94 22.83
C LYS B 277 -25.58 16.62 21.57
N THR B 278 -24.72 17.25 20.75
CA THR B 278 -25.21 18.18 19.70
C THR B 278 -24.80 17.80 18.27
N GLY B 279 -23.78 16.98 18.07
CA GLY B 279 -23.54 16.30 16.80
C GLY B 279 -22.94 17.20 15.70
N GLY B 280 -22.68 18.48 15.97
CA GLY B 280 -22.31 19.44 14.91
C GLY B 280 -20.85 19.49 14.52
N PHE B 281 -19.94 18.81 15.18
CA PHE B 281 -18.51 18.85 14.80
C PHE B 281 -18.25 17.97 13.59
N GLN B 282 -17.45 18.45 12.65
CA GLN B 282 -17.01 17.69 11.46
C GLN B 282 -15.60 17.13 11.64
N ALA B 283 -14.66 17.96 12.07
CA ALA B 283 -13.23 17.57 12.14
C ALA B 283 -12.67 17.86 13.52
N PHE B 284 -11.80 16.96 13.97
CA PHE B 284 -10.93 17.19 15.15
C PHE B 284 -9.54 17.48 14.64
N ILE B 285 -8.91 18.50 15.21
CA ILE B 285 -7.70 19.12 14.62
C ILE B 285 -6.67 19.29 15.72
N PRO B 286 -5.74 18.34 15.88
CA PRO B 286 -4.59 18.57 16.75
C PRO B 286 -3.76 19.72 16.20
N LEU B 287 -3.28 20.55 17.11
CA LEU B 287 -2.40 21.68 16.74
C LEU B 287 -1.14 21.54 17.57
N LYS B 288 -0.03 21.30 16.89
CA LYS B 288 1.26 21.12 17.60
C LYS B 288 1.74 22.48 18.11
N PHE B 289 2.10 22.52 19.40
CA PHE B 289 2.76 23.70 19.98
C PHE B 289 4.09 23.96 19.26
N ARG B 290 4.37 25.24 18.97
CA ARG B 290 5.69 25.68 18.43
C ARG B 290 6.26 26.74 19.38
N ASN B 291 7.59 26.73 19.56
CA ASN B 291 8.19 27.55 20.66
C ASN B 291 8.82 28.81 20.08
N GLN B 292 8.43 29.25 18.89
CA GLN B 292 9.00 30.48 18.24
C GLN B 292 8.10 31.70 18.45
N HIS B 293 8.67 32.88 18.71
CA HIS B 293 7.93 34.19 18.75
C HIS B 293 6.78 34.14 19.79
N ASN B 294 7.00 33.53 20.95
CA ASN B 294 5.94 33.55 22.00
C ASN B 294 6.64 33.57 23.36
N GLN B 295 5.89 33.41 24.45
CA GLN B 295 6.46 33.46 25.82
C GLN B 295 6.87 32.06 26.28
N MET B 296 6.90 31.07 25.38
CA MET B 296 7.22 29.67 25.77
C MET B 296 8.43 29.16 25.00
N ASP B 297 9.42 30.05 24.81
CA ASP B 297 10.52 29.78 23.85
C ASP B 297 11.43 28.66 24.35
N HIS B 298 11.39 28.33 25.63
CA HIS B 298 12.28 27.27 26.16
C HIS B 298 11.45 26.02 26.48
N VAL B 299 10.18 25.93 26.04
CA VAL B 299 9.42 24.65 26.09
C VAL B 299 9.81 23.81 24.87
N PRO B 300 10.41 22.62 25.01
CA PRO B 300 10.82 21.82 23.86
C PRO B 300 9.61 21.31 23.06
N GLU B 301 9.73 21.31 21.75
CA GLU B 301 8.71 20.68 20.87
C GLU B 301 8.88 19.15 20.91
N VAL B 302 7.76 18.45 20.67
CA VAL B 302 7.74 16.98 20.76
C VAL B 302 8.16 16.45 19.38
N SER B 303 8.49 15.17 19.35
CA SER B 303 9.07 14.49 18.17
C SER B 303 7.98 14.22 17.14
N VAL B 304 8.40 13.96 15.92
CA VAL B 304 7.50 13.49 14.84
C VAL B 304 6.79 12.23 15.35
N ILE B 305 7.49 11.30 16.00
CA ILE B 305 6.85 10.07 16.53
C ILE B 305 5.71 10.46 17.48
N GLU B 306 5.93 11.42 18.38
CA GLU B 306 4.84 11.88 19.29
C GLU B 306 3.71 12.53 18.49
N ASP B 307 4.00 13.26 17.42
CA ASP B 307 2.92 13.83 16.55
C ASP B 307 2.08 12.68 15.99
N LEU B 308 2.74 11.65 15.49
CA LEU B 308 1.99 10.52 14.87
C LEU B 308 1.24 9.70 15.92
N ARG B 309 1.82 9.40 17.10
CA ARG B 309 1.08 8.71 18.20
CA ARG B 309 1.08 8.72 18.19
C ARG B 309 -0.16 9.55 18.54
N ASN B 310 -0.02 10.86 18.52
CA ASN B 310 -1.11 11.78 18.92
C ASN B 310 -2.19 11.70 17.85
N TYR B 311 -1.84 11.77 16.56
CA TYR B 311 -2.91 11.64 15.53
C TYR B 311 -3.64 10.31 15.72
N ALA B 312 -2.88 9.26 15.95
CA ALA B 312 -3.47 7.92 16.04
C ALA B 312 -4.45 7.82 17.21
N ILE B 313 -4.00 8.25 18.40
CA ILE B 313 -4.83 8.20 19.61
C ILE B 313 -6.05 9.09 19.39
N ALA B 314 -5.91 10.24 18.71
CA ALA B 314 -7.04 11.10 18.41
C ALA B 314 -8.04 10.31 17.57
N ARG B 315 -7.57 9.56 16.58
CA ARG B 315 -8.47 8.81 15.68
C ARG B 315 -9.21 7.74 16.48
N ILE B 316 -8.52 7.11 17.41
CA ILE B 316 -9.09 6.00 18.19
C ILE B 316 -10.10 6.55 19.18
N TYR B 317 -9.76 7.66 19.84
CA TYR B 317 -10.56 8.22 20.95
C TYR B 317 -11.81 8.90 20.41
N MET B 318 -11.64 9.70 19.36
CA MET B 318 -12.69 10.60 18.82
C MET B 318 -13.60 9.80 17.86
N ASP B 319 -14.27 8.80 18.41
CA ASP B 319 -15.07 7.84 17.61
C ASP B 319 -16.30 8.46 16.96
N ASN B 320 -16.70 9.65 17.37
CA ASN B 320 -17.90 10.33 16.89
C ASN B 320 -17.56 11.57 16.07
N PHE B 321 -16.29 11.79 15.77
CA PHE B 321 -15.88 12.83 14.81
C PHE B 321 -15.58 12.15 13.49
N ASP B 322 -16.23 12.58 12.41
CA ASP B 322 -15.95 11.93 11.12
C ASP B 322 -14.47 12.07 10.76
N HIS B 323 -13.92 13.28 10.85
CA HIS B 323 -12.60 13.64 10.25
C HIS B 323 -11.55 13.98 11.29
N ILE B 324 -10.32 13.61 10.98
CA ILE B 324 -9.10 14.08 11.67
C ILE B 324 -8.31 14.85 10.63
N LYS B 325 -8.00 16.12 10.94
CA LYS B 325 -7.40 17.07 10.00
C LYS B 325 -5.97 17.41 10.41
N ALA B 326 -5.12 17.48 9.41
CA ALA B 326 -3.73 17.99 9.54
C ALA B 326 -3.56 19.15 8.56
N TYR B 327 -2.86 20.20 8.98
CA TYR B 327 -2.52 21.34 8.11
C TYR B 327 -1.11 21.12 7.57
N TRP B 328 -1.00 21.08 6.27
CA TRP B 328 0.30 20.79 5.61
C TRP B 328 1.35 21.87 5.94
N ALA B 329 0.97 23.13 6.15
CA ALA B 329 1.98 24.19 6.39
C ALA B 329 2.43 24.16 7.86
N MET B 330 1.74 23.43 8.73
CA MET B 330 2.06 23.42 10.18
C MET B 330 3.08 22.34 10.51
N ILE B 331 3.32 21.39 9.59
CA ILE B 331 4.18 20.20 9.84
C ILE B 331 5.00 19.92 8.60
N SER B 332 6.05 19.13 8.74
CA SER B 332 6.87 18.76 7.57
C SER B 332 6.02 17.98 6.57
N ARG B 333 6.46 18.01 5.32
CA ARG B 333 5.87 17.20 4.23
C ARG B 333 5.83 15.74 4.68
N GLN B 334 6.89 15.25 5.30
CA GLN B 334 6.96 13.83 5.68
C GLN B 334 5.91 13.60 6.77
N THR B 335 5.76 14.53 7.72
CA THR B 335 4.85 14.27 8.85
C THR B 335 3.42 14.24 8.30
N ALA B 336 3.08 15.20 7.42
CA ALA B 336 1.74 15.28 6.82
C ALA B 336 1.42 14.00 6.04
N GLN B 337 2.35 13.56 5.22
CA GLN B 337 2.14 12.32 4.47
C GLN B 337 2.00 11.13 5.42
N LEU B 338 2.92 10.98 6.37
CA LEU B 338 2.84 9.82 7.28
C LEU B 338 1.53 9.88 8.08
N SER B 339 1.03 11.08 8.42
CA SER B 339 -0.19 11.20 9.25
C SER B 339 -1.36 10.51 8.56
N LEU B 340 -1.34 10.45 7.23
CA LEU B 340 -2.46 9.82 6.47
C LEU B 340 -2.54 8.32 6.78
N ASN B 341 -1.50 7.74 7.37
CA ASN B 341 -1.43 6.32 7.79
C ASN B 341 -1.62 6.17 9.30
N PHE B 342 -1.75 7.30 10.02
CA PHE B 342 -1.97 7.27 11.48
C PHE B 342 -3.27 7.99 11.84
N GLY B 343 -4.26 7.96 10.94
CA GLY B 343 -5.62 8.36 11.27
C GLY B 343 -6.12 9.59 10.51
N VAL B 344 -5.26 10.34 9.83
CA VAL B 344 -5.69 11.60 9.19
C VAL B 344 -6.31 11.31 7.84
N ASP B 345 -7.46 11.95 7.58
CA ASP B 345 -8.19 11.83 6.29
C ASP B 345 -8.46 13.20 5.66
N ASP B 346 -8.20 14.29 6.37
CA ASP B 346 -8.49 15.67 5.93
C ASP B 346 -7.18 16.45 5.99
N ILE B 347 -6.72 16.99 4.86
CA ILE B 347 -5.42 17.69 4.78
C ILE B 347 -5.74 19.11 4.31
N ASP B 348 -5.24 20.12 5.01
CA ASP B 348 -5.81 21.47 4.87
C ASP B 348 -4.74 22.55 4.90
N GLY B 349 -5.16 23.69 4.43
CA GLY B 349 -4.31 24.86 4.11
C GLY B 349 -4.96 25.60 2.99
N THR B 350 -4.20 26.53 2.43
N THR B 350 -4.29 26.62 2.43
CA THR B 350 -4.61 27.43 1.34
CA THR B 350 -4.82 27.45 1.31
C THR B 350 -3.95 26.98 0.04
C THR B 350 -4.05 27.11 0.03
N LEU B 351 -4.73 26.41 -0.88
CA LEU B 351 -4.19 26.02 -2.18
C LEU B 351 -3.87 27.28 -2.98
N ASP B 352 -2.73 27.24 -3.65
CA ASP B 352 -2.18 28.43 -4.35
C ASP B 352 -1.60 27.96 -5.70
N ASP B 353 -2.38 28.11 -6.75
CA ASP B 353 -2.01 27.80 -8.14
C ASP B 353 -1.42 29.04 -8.82
N THR B 354 -1.25 30.15 -8.11
CA THR B 354 -0.76 31.43 -8.71
C THR B 354 0.73 31.27 -9.02
N THR B 355 1.22 32.03 -10.01
CA THR B 355 2.65 32.13 -10.43
C THR B 355 3.16 33.53 -10.06
N LYS B 356 4.25 33.61 -9.31
CA LYS B 356 4.89 34.90 -8.97
C LYS B 356 5.37 35.54 -10.30
N ILE B 357 5.04 36.82 -10.51
CA ILE B 357 5.59 37.60 -11.66
C ILE B 357 6.39 38.78 -11.09
N TYR B 358 7.31 39.34 -11.89
CA TYR B 358 8.16 40.48 -11.47
C TYR B 358 9.12 40.08 -10.33
N SER B 359 9.55 38.82 -10.18
CA SER B 359 10.45 38.33 -9.08
C SER B 359 11.84 38.98 -9.14
N PRO B 368 6.67 29.15 0.54
CA PRO B 368 6.55 27.88 -0.18
C PRO B 368 5.08 27.55 -0.49
N ALA B 369 4.58 27.91 -1.67
CA ALA B 369 3.16 27.70 -2.05
C ALA B 369 2.88 26.20 -2.26
N MET B 370 1.64 25.80 -1.97
CA MET B 370 1.13 24.44 -2.24
C MET B 370 0.15 24.55 -3.39
N SER B 371 0.55 24.10 -4.56
CA SER B 371 -0.34 24.08 -5.71
C SER B 371 -1.28 22.88 -5.58
N THR B 372 -2.30 22.81 -6.39
CA THR B 372 -3.20 21.64 -6.42
C THR B 372 -2.40 20.43 -6.86
N ARG B 373 -1.59 20.58 -7.92
CA ARG B 373 -0.75 19.45 -8.41
C ARG B 373 0.17 18.99 -7.28
N ASP B 374 0.81 19.90 -6.56
CA ASP B 374 1.71 19.53 -5.45
C ASP B 374 0.93 18.68 -4.43
N LEU B 375 -0.26 19.14 -4.03
CA LEU B 375 -0.99 18.45 -2.94
C LEU B 375 -1.47 17.09 -3.45
N VAL B 376 -2.01 17.03 -4.66
CA VAL B 376 -2.43 15.73 -5.26
C VAL B 376 -1.25 14.76 -5.27
N ASP B 377 -0.07 15.22 -5.66
CA ASP B 377 1.13 14.34 -5.74
C ASP B 377 1.56 13.93 -4.32
N LEU B 378 1.44 14.81 -3.34
CA LEU B 378 1.83 14.52 -1.94
C LEU B 378 0.93 13.35 -1.47
N ILE B 379 -0.36 13.44 -1.76
CA ILE B 379 -1.34 12.43 -1.30
C ILE B 379 -1.10 11.12 -2.05
N LYS B 380 -0.94 11.16 -3.36
CA LYS B 380 -0.74 9.91 -4.13
C LYS B 380 0.59 9.26 -3.76
N GLN B 381 1.58 10.02 -3.36
CA GLN B 381 2.90 9.43 -3.01
C GLN B 381 2.79 8.44 -1.83
N VAL B 382 1.83 8.60 -0.91
CA VAL B 382 1.67 7.61 0.20
C VAL B 382 0.40 6.78 -0.04
N LYS B 383 0.07 6.58 -1.31
CA LYS B 383 -0.89 5.56 -1.80
C LYS B 383 -2.32 5.92 -1.38
N ARG B 384 -2.59 7.22 -1.25
CA ARG B 384 -3.95 7.66 -0.88
C ARG B 384 -4.63 8.34 -2.06
N LYS B 385 -5.93 8.59 -1.93
CA LYS B 385 -6.80 9.07 -3.02
C LYS B 385 -7.14 10.54 -2.75
N PRO B 386 -6.60 11.47 -3.55
CA PRO B 386 -6.86 12.88 -3.36
C PRO B 386 -8.28 13.25 -3.82
N ILE B 387 -9.07 13.80 -2.88
CA ILE B 387 -10.50 14.15 -3.13
C ILE B 387 -10.67 15.65 -2.81
N GLU B 388 -11.11 16.44 -3.79
CA GLU B 388 -11.59 17.79 -3.56
C GLU B 388 -13.02 17.62 -3.08
N ARG B 389 -13.32 18.14 -1.89
CA ARG B 389 -14.61 17.92 -1.23
C ARG B 389 -15.51 19.15 -1.28
N ASP B 390 -16.77 18.92 -0.98
CA ASP B 390 -17.74 19.99 -0.62
C ASP B 390 -17.72 20.17 0.89
N THR B 391 -18.58 21.06 1.39
CA THR B 391 -18.54 21.39 2.83
C THR B 391 -18.94 20.18 3.69
N LEU B 392 -19.65 19.20 3.14
CA LEU B 392 -20.11 18.02 3.88
C LEU B 392 -19.28 16.78 3.52
N TYR B 393 -18.10 16.98 2.90
CA TYR B 393 -17.15 15.89 2.58
C TYR B 393 -17.71 14.88 1.55
N ASN B 394 -18.63 15.30 0.68
CA ASN B 394 -18.93 14.61 -0.57
C ASN B 394 -17.77 14.84 -1.55
N VAL B 395 -17.64 13.94 -2.51
CA VAL B 395 -16.66 14.07 -3.62
C VAL B 395 -17.09 15.13 -4.62
N VAL B 396 -16.29 16.15 -4.80
CA VAL B 396 -16.47 17.13 -5.92
C VAL B 396 -15.58 16.70 -7.09
N THR B 397 -14.31 16.46 -6.83
CA THR B 397 -13.36 15.96 -7.85
C THR B 397 -12.56 14.84 -7.22
N ASP B 398 -12.55 13.67 -7.88
CA ASP B 398 -11.62 12.59 -7.52
C ASP B 398 -10.38 12.78 -8.40
N TYR B 399 -9.28 13.21 -7.81
CA TYR B 399 -8.02 13.50 -8.54
C TYR B 399 -7.22 12.21 -8.77
N SER B 400 -7.71 11.03 -8.39
CA SER B 400 -6.86 9.82 -8.37
C SER B 400 -6.40 9.44 -9.79
N GLN B 401 -7.26 9.49 -10.81
CA GLN B 401 -6.83 9.20 -12.21
C GLN B 401 -6.69 10.50 -13.03
N VAL B 402 -6.83 11.69 -12.43
CA VAL B 402 -6.59 12.98 -13.15
C VAL B 402 -5.08 13.13 -13.36
N THR B 403 -4.66 13.33 -14.62
CA THR B 403 -3.28 13.69 -15.03
C THR B 403 -3.24 15.21 -15.30
N PHE B 404 -2.13 15.84 -14.99
CA PHE B 404 -1.83 17.25 -15.38
C PHE B 404 -0.84 17.19 -16.56
FE1 SF4 C . 16.90 -36.14 -13.87
FE2 SF4 C . 15.24 -38.17 -14.33
FE3 SF4 C . 14.27 -35.54 -14.50
FE4 SF4 C . 14.99 -36.73 -12.11
S1 SF4 C . 13.42 -37.33 -13.46
S2 SF4 C . 15.51 -34.66 -12.88
S3 SF4 C . 16.72 -38.05 -12.68
S4 SF4 C . 15.86 -36.59 -15.70
O1 TAR D . 11.16 -31.98 -14.13
O11 TAR D . 12.33 -33.75 -13.60
C1 TAR D . 11.46 -33.18 -14.30
C2 TAR D . 10.86 -34.05 -15.37
O2 TAR D . 9.65 -33.59 -16.01
C3 TAR D . 12.00 -34.42 -16.39
O3 TAR D . 12.58 -35.65 -15.91
C4 TAR D . 13.19 -33.51 -16.53
O4 TAR D . 13.17 -32.49 -17.24
O41 TAR D . 14.25 -33.79 -15.93
O1 TAR E . -12.40 -44.11 -24.13
O11 TAR E . -10.28 -44.29 -23.19
C1 TAR E . -11.19 -43.78 -23.93
C2 TAR E . -10.59 -42.63 -24.60
O2 TAR E . -9.36 -43.31 -24.86
C3 TAR E . -11.19 -42.08 -25.92
O3 TAR E . -10.12 -41.24 -26.41
C4 TAR E . -12.53 -41.30 -25.92
O4 TAR E . -12.85 -40.73 -27.01
O41 TAR E . -13.27 -41.25 -24.90
FE1 SF4 F . -3.53 34.76 20.24
FE2 SF4 F . -6.19 34.00 20.13
FE3 SF4 F . -5.35 36.49 21.16
FE4 SF4 F . -4.83 34.21 22.47
S1 SF4 F . -6.79 35.03 22.07
S2 SF4 F . -3.45 35.97 22.16
S3 SF4 F . -4.46 32.76 20.78
S4 SF4 F . -5.06 35.71 19.05
O1 TAR G . -4.99 37.82 0.71
O11 TAR G . -4.36 39.42 2.14
C1 TAR G . -4.81 38.27 1.89
C2 TAR G . -5.18 37.40 3.06
O2 TAR G . -5.69 36.21 2.44
C3 TAR G . -3.91 37.06 3.89
O3 TAR G . -2.96 36.40 3.04
C4 TAR G . -4.17 36.11 5.05
O4 TAR G . -4.84 36.54 6.00
O41 TAR G . -3.73 34.92 4.99
O1 TAR H . -8.88 33.02 15.62
O11 TAR H . -6.58 33.17 15.58
C1 TAR H . -7.70 32.89 16.07
C2 TAR H . -7.63 32.29 17.36
O2 TAR H . -6.25 32.29 17.74
C3 TAR H . -8.53 33.18 18.22
O3 TAR H . -7.86 34.43 18.56
C4 TAR H . -8.65 32.38 19.42
O4 TAR H . -9.54 31.48 19.51
O41 TAR H . -7.82 32.57 20.27
O1 TAR I . -19.54 46.11 -0.09
O11 TAR I . -17.52 46.74 -0.59
C1 TAR I . -18.71 46.51 -0.93
C2 TAR I . -19.09 46.77 -2.38
O2 TAR I . -19.83 45.63 -2.84
C3 TAR I . -19.75 48.15 -2.61
O3 TAR I . -20.26 48.66 -1.38
C4 TAR I . -20.79 48.14 -3.73
O4 TAR I . -21.92 47.62 -3.57
O41 TAR I . -20.48 48.68 -4.82
#